data_8AI4
#
_entry.id   8AI4
#
_cell.length_a   79.37
_cell.length_b   92.09
_cell.length_c   126.43
_cell.angle_alpha   90
_cell.angle_beta   90
_cell.angle_gamma   90
#
_symmetry.space_group_name_H-M   'P 21 21 21'
#
loop_
_entity.id
_entity.type
_entity.pdbx_description
1 polymer 'Radical SAM core domain-containing protein'
2 polymer 'Putative exported peptide YydF'
3 non-polymer 'IRON/SULFUR CLUSTER'
4 non-polymer S-ADENOSYL-L-HOMOCYSTEINE
5 non-polymer 1,2-ETHANEDIOL
6 non-polymer DI(HYDROXYETHYL)ETHER
7 non-polymer GLYCEROL
8 water water
#
loop_
_entity_poly.entity_id
_entity_poly.type
_entity_poly.pdbx_seq_one_letter_code
_entity_poly.pdbx_strand_id
1 'polypeptide(L)'
;MASWSHPQFEKSGGGGGENLYFQGHMYNKTVSINLDSRCNASCDHCCFSSSPTSTTRMEKEYIRELVTEFAKNKTIQVIS
FTGGEVFLDYKFLKELMEIIKPYEKQITLISNGFWGLSKKKVQEYFHDMNSLNVIALTISYDEYHAPFVKSSSIKNILEH
SRKYPDIDISLNMAVTKDKMSNHILEELGDSILGVKITKFPMISVGAAKTRIKQENIHKFYSLEDEDSLHCPGYDIVYHH
DGEIYPCASPAIFETKITLREEYNQSFERTVEKLNSNLLLFILRKEGFKWFLNILKENNKIEEFDIPYEFSSICGVCGSL
FNSAEKINYFYPYMEKYYNENFKV
;
A,B
2 'polypeptide(L)' FVKSKENRWIL C,D
#
loop_
_chem_comp.id
_chem_comp.type
_chem_comp.name
_chem_comp.formula
EDO non-polymer 1,2-ETHANEDIOL 'C2 H6 O2'
GOL non-polymer GLYCEROL 'C3 H8 O3'
PEG non-polymer DI(HYDROXYETHYL)ETHER 'C4 H10 O3'
SAH non-polymer S-ADENOSYL-L-HOMOCYSTEINE 'C14 H20 N6 O5 S'
SF4 non-polymer 'IRON/SULFUR CLUSTER' 'Fe4 S4'
#
# COMPACT_ATOMS: atom_id res chain seq x y z
N TYR A 27 4.18 -17.11 -11.98
CA TYR A 27 4.86 -16.96 -10.68
C TYR A 27 6.38 -16.85 -10.85
N ASN A 28 6.86 -16.35 -12.01
CA ASN A 28 8.29 -16.29 -12.26
C ASN A 28 8.88 -14.88 -12.33
N LYS A 29 8.12 -13.86 -11.91
CA LYS A 29 8.65 -12.50 -11.92
C LYS A 29 9.23 -12.07 -10.57
N THR A 30 8.93 -12.80 -9.49
CA THR A 30 9.41 -12.45 -8.16
C THR A 30 10.01 -13.67 -7.48
N VAL A 31 10.98 -13.44 -6.61
CA VAL A 31 11.57 -14.54 -5.85
C VAL A 31 12.03 -13.96 -4.52
N SER A 32 12.02 -14.80 -3.48
CA SER A 32 12.47 -14.33 -2.17
C SER A 32 13.49 -15.29 -1.59
N ILE A 33 14.39 -14.76 -0.77
CA ILE A 33 15.37 -15.59 -0.06
C ILE A 33 15.31 -15.25 1.40
N ASN A 34 15.16 -16.26 2.25
CA ASN A 34 15.20 -16.05 3.69
C ASN A 34 16.66 -16.30 4.08
N LEU A 35 17.37 -15.24 4.43
CA LEU A 35 18.82 -15.30 4.65
C LEU A 35 19.28 -16.04 5.90
N ASP A 36 18.47 -16.04 6.94
CA ASP A 36 18.88 -16.66 8.21
C ASP A 36 17.72 -16.70 9.17
N SER A 37 17.74 -17.65 10.10
CA SER A 37 16.77 -17.69 11.19
C SER A 37 17.28 -16.82 12.38
N ARG A 38 18.58 -16.46 12.41
CA ARG A 38 19.17 -15.66 13.46
C ARG A 38 18.56 -14.26 13.46
N CYS A 39 18.33 -13.78 14.67
CA CYS A 39 17.72 -12.45 14.86
C CYS A 39 18.24 -11.87 16.16
N ASN A 40 18.29 -10.54 16.28
CA ASN A 40 18.69 -9.91 17.56
C ASN A 40 17.48 -9.98 18.55
N ALA A 41 16.22 -10.03 17.99
CA ALA A 41 15.00 -10.08 18.78
C ALA A 41 14.59 -11.55 19.06
N SER A 42 13.60 -11.77 19.94
CA SER A 42 13.08 -13.11 20.25
C SER A 42 11.57 -12.95 20.45
N CYS A 43 10.90 -12.33 19.47
CA CYS A 43 9.46 -12.05 19.55
C CYS A 43 8.65 -13.27 19.93
N ASP A 44 7.71 -13.10 20.86
CA ASP A 44 6.86 -14.19 21.33
C ASP A 44 5.87 -14.71 20.30
N HIS A 45 5.68 -14.00 19.18
CA HIS A 45 4.78 -14.52 18.12
C HIS A 45 5.56 -15.16 16.95
N CYS A 46 6.89 -14.98 16.90
CA CYS A 46 7.69 -15.30 15.72
C CYS A 46 7.39 -16.63 15.10
N CYS A 47 6.98 -16.60 13.82
CA CYS A 47 6.67 -17.83 13.09
C CYS A 47 7.89 -18.76 12.92
N PHE A 48 9.10 -18.22 13.06
CA PHE A 48 10.32 -19.03 12.95
C PHE A 48 10.99 -19.26 14.29
N SER A 49 10.41 -18.75 15.40
CA SER A 49 11.01 -18.76 16.75
C SER A 49 12.44 -18.21 16.68
N SER A 50 12.62 -17.14 15.89
CA SER A 50 13.94 -16.54 15.69
C SER A 50 14.48 -15.99 16.99
N SER A 51 15.79 -15.99 17.09
CA SER A 51 16.47 -15.56 18.29
C SER A 51 17.98 -15.45 17.99
N PRO A 52 18.76 -14.84 18.89
CA PRO A 52 20.22 -14.78 18.67
C PRO A 52 20.88 -16.15 18.57
N THR A 53 20.26 -17.22 19.11
CA THR A 53 20.84 -18.57 19.10
C THR A 53 20.26 -19.50 18.04
N SER A 54 19.43 -18.97 17.11
CA SER A 54 18.86 -19.81 16.06
C SER A 54 19.96 -20.20 15.08
N THR A 55 20.04 -21.48 14.72
CA THR A 55 21.12 -21.98 13.88
C THR A 55 20.67 -22.43 12.48
N THR A 56 19.38 -22.32 12.14
CA THR A 56 18.93 -22.78 10.83
C THR A 56 19.23 -21.76 9.75
N ARG A 57 20.01 -22.15 8.72
CA ARG A 57 20.31 -21.23 7.62
C ARG A 57 21.00 -21.97 6.49
N MET A 58 20.84 -21.46 5.27
CA MET A 58 21.57 -21.95 4.11
C MET A 58 23.00 -21.38 4.23
N GLU A 59 23.99 -22.04 3.63
CA GLU A 59 25.37 -21.55 3.67
C GLU A 59 25.51 -20.25 2.88
N LYS A 60 26.44 -19.37 3.30
CA LYS A 60 26.64 -18.09 2.60
C LYS A 60 26.99 -18.27 1.11
N GLU A 61 27.90 -19.20 0.80
CA GLU A 61 28.29 -19.42 -0.61
C GLU A 61 27.11 -19.91 -1.45
N TYR A 62 26.27 -20.75 -0.86
CA TYR A 62 25.08 -21.25 -1.52
C TYR A 62 24.11 -20.08 -1.83
N ILE A 63 23.93 -19.18 -0.85
CA ILE A 63 23.09 -17.99 -1.04
C ILE A 63 23.67 -17.08 -2.13
N ARG A 64 25.01 -16.89 -2.15
CA ARG A 64 25.65 -16.09 -3.21
C ARG A 64 25.32 -16.66 -4.59
N GLU A 65 25.37 -18.01 -4.73
CA GLU A 65 25.04 -18.67 -5.99
C GLU A 65 23.58 -18.43 -6.34
N LEU A 66 22.64 -18.55 -5.36
CA LEU A 66 21.21 -18.30 -5.63
C LEU A 66 21.01 -16.87 -6.12
N VAL A 67 21.60 -15.89 -5.42
CA VAL A 67 21.45 -14.48 -5.78
C VAL A 67 22.02 -14.21 -7.16
N THR A 68 23.19 -14.79 -7.48
CA THR A 68 23.80 -14.60 -8.80
C THR A 68 22.86 -15.15 -9.89
N GLU A 69 22.26 -16.32 -9.63
CA GLU A 69 21.34 -16.94 -10.58
C GLU A 69 20.10 -16.07 -10.77
N PHE A 70 19.54 -15.57 -9.68
CA PHE A 70 18.33 -14.73 -9.75
C PHE A 70 18.62 -13.43 -10.44
N ALA A 71 19.81 -12.85 -10.23
CA ALA A 71 20.18 -11.60 -10.87
C ALA A 71 20.30 -11.84 -12.41
N LYS A 72 20.92 -12.94 -12.81
CA LYS A 72 21.10 -13.27 -14.23
C LYS A 72 19.83 -13.70 -14.92
N ASN A 73 18.85 -14.24 -14.17
CA ASN A 73 17.58 -14.74 -14.72
C ASN A 73 16.85 -13.65 -15.50
N LYS A 74 16.39 -13.91 -16.75
CA LYS A 74 15.78 -12.85 -17.54
C LYS A 74 14.37 -12.47 -17.12
N THR A 75 13.63 -13.35 -16.44
CA THR A 75 12.23 -13.06 -16.07
CA THR A 75 12.23 -13.03 -16.13
C THR A 75 12.04 -12.45 -14.71
N ILE A 76 12.94 -12.76 -13.77
CA ILE A 76 12.79 -12.22 -12.41
C ILE A 76 12.96 -10.72 -12.44
N GLN A 77 12.01 -10.00 -11.86
CA GLN A 77 12.07 -8.54 -11.78
C GLN A 77 12.38 -8.08 -10.36
N VAL A 78 11.87 -8.82 -9.36
CA VAL A 78 12.04 -8.43 -7.97
C VAL A 78 12.67 -9.56 -7.18
N ILE A 79 13.65 -9.23 -6.35
CA ILE A 79 14.28 -10.18 -5.43
C ILE A 79 14.04 -9.60 -4.04
N SER A 80 13.41 -10.38 -3.15
CA SER A 80 13.09 -9.92 -1.80
C SER A 80 13.91 -10.67 -0.77
N PHE A 81 14.38 -9.97 0.27
CA PHE A 81 15.14 -10.62 1.33
C PHE A 81 14.35 -10.55 2.63
N THR A 82 14.37 -11.64 3.39
CA THR A 82 13.69 -11.70 4.69
C THR A 82 14.51 -12.63 5.63
N GLY A 83 14.06 -12.78 6.87
CA GLY A 83 14.76 -13.60 7.87
C GLY A 83 13.77 -14.11 8.90
N GLY A 84 14.11 -14.07 10.19
CA GLY A 84 15.39 -13.56 10.69
C GLY A 84 15.51 -12.07 10.50
N GLU A 85 16.66 -11.51 10.90
CA GLU A 85 16.88 -10.09 10.72
C GLU A 85 18.00 -9.89 9.67
N VAL A 86 17.64 -9.46 8.44
CA VAL A 86 18.61 -9.33 7.36
C VAL A 86 19.64 -8.24 7.58
N PHE A 87 19.35 -7.22 8.42
CA PHE A 87 20.37 -6.19 8.67
C PHE A 87 21.40 -6.61 9.73
N LEU A 88 21.22 -7.79 10.36
CA LEU A 88 22.13 -8.27 11.40
C LEU A 88 23.52 -8.47 10.82
N ASP A 89 23.61 -9.05 9.62
CA ASP A 89 24.93 -9.20 8.98
C ASP A 89 24.86 -8.30 7.76
N TYR A 90 24.95 -6.99 7.99
CA TYR A 90 24.78 -6.02 6.93
C TYR A 90 25.83 -6.16 5.82
N LYS A 91 27.08 -6.49 6.19
CA LYS A 91 28.14 -6.69 5.20
C LYS A 91 27.73 -7.74 4.14
N PHE A 92 27.11 -8.83 4.61
CA PHE A 92 26.67 -9.88 3.69
C PHE A 92 25.48 -9.41 2.86
N LEU A 93 24.51 -8.70 3.48
CA LEU A 93 23.35 -8.18 2.73
C LEU A 93 23.82 -7.21 1.63
N LYS A 94 24.74 -6.30 1.97
CA LYS A 94 25.25 -5.33 1.00
C LYS A 94 25.99 -6.04 -0.14
N GLU A 95 26.73 -7.10 0.17
CA GLU A 95 27.45 -7.86 -0.85
C GLU A 95 26.42 -8.50 -1.84
N LEU A 96 25.32 -9.02 -1.31
CA LEU A 96 24.29 -9.63 -2.15
C LEU A 96 23.62 -8.57 -3.02
N MET A 97 23.32 -7.39 -2.45
CA MET A 97 22.71 -6.31 -3.22
C MET A 97 23.67 -5.86 -4.34
N GLU A 98 25.00 -5.87 -4.06
CA GLU A 98 25.97 -5.48 -5.08
CA GLU A 98 26.00 -5.49 -5.07
C GLU A 98 26.11 -6.52 -6.18
N ILE A 99 25.84 -7.82 -5.89
CA ILE A 99 25.85 -8.87 -6.93
C ILE A 99 24.69 -8.54 -7.92
N ILE A 100 23.53 -8.13 -7.39
CA ILE A 100 22.34 -7.84 -8.19
C ILE A 100 22.47 -6.54 -9.02
N LYS A 101 23.15 -5.53 -8.47
CA LYS A 101 23.27 -4.20 -9.04
C LYS A 101 23.54 -4.17 -10.57
N PRO A 102 24.56 -4.87 -11.13
CA PRO A 102 24.77 -4.77 -12.60
C PRO A 102 23.60 -5.25 -13.44
N TYR A 103 22.74 -6.11 -12.87
CA TYR A 103 21.56 -6.68 -13.53
C TYR A 103 20.28 -5.85 -13.35
N GLU A 104 20.33 -4.79 -12.52
CA GLU A 104 19.26 -3.84 -12.30
C GLU A 104 17.92 -4.47 -11.88
N LYS A 105 17.95 -5.50 -11.02
CA LYS A 105 16.69 -6.06 -10.52
C LYS A 105 16.24 -5.16 -9.34
N GLN A 106 14.93 -5.12 -9.08
CA GLN A 106 14.41 -4.38 -7.94
C GLN A 106 14.54 -5.24 -6.68
N ILE A 107 14.81 -4.61 -5.54
CA ILE A 107 14.99 -5.34 -4.30
C ILE A 107 14.03 -4.86 -3.23
N THR A 108 13.53 -5.78 -2.40
CA THR A 108 12.72 -5.38 -1.26
C THR A 108 13.40 -5.93 -0.01
N LEU A 109 13.26 -5.19 1.10
CA LEU A 109 13.84 -5.59 2.38
C LEU A 109 12.78 -5.43 3.46
N ILE A 110 12.88 -6.24 4.51
CA ILE A 110 12.00 -6.14 5.68
C ILE A 110 12.89 -6.28 6.90
N SER A 111 12.61 -5.50 7.95
CA SER A 111 13.50 -5.45 9.09
C SER A 111 12.79 -5.04 10.37
N ASN A 112 13.31 -5.45 11.52
CA ASN A 112 12.82 -4.97 12.81
C ASN A 112 13.39 -3.54 13.14
N GLY A 113 14.24 -3.00 12.27
CA GLY A 113 14.75 -1.64 12.45
C GLY A 113 15.66 -1.42 13.65
N PHE A 114 16.30 -2.48 14.19
CA PHE A 114 17.23 -2.34 15.34
C PHE A 114 18.34 -1.33 15.03
N TRP A 115 18.77 -1.30 13.74
CA TRP A 115 19.84 -0.42 13.27
C TRP A 115 19.45 1.07 13.28
N GLY A 116 18.18 1.39 13.53
CA GLY A 116 17.72 2.78 13.55
C GLY A 116 18.25 3.59 14.71
N LEU A 117 18.85 2.94 15.72
CA LEU A 117 19.28 3.65 16.93
C LEU A 117 20.20 4.82 16.64
N SER A 118 21.11 4.64 15.71
CA SER A 118 22.03 5.70 15.29
C SER A 118 21.51 6.37 14.02
N LYS A 119 21.31 7.69 14.03
CA LYS A 119 20.91 8.41 12.82
C LYS A 119 22.00 8.33 11.76
N LYS A 120 23.29 8.27 12.14
CA LYS A 120 24.38 8.16 11.17
C LYS A 120 24.29 6.82 10.42
N LYS A 121 23.97 5.74 11.17
CA LYS A 121 23.76 4.43 10.54
C LYS A 121 22.57 4.46 9.59
N VAL A 122 21.47 5.09 9.99
CA VAL A 122 20.27 5.23 9.15
C VAL A 122 20.61 5.95 7.85
N GLN A 123 21.41 7.02 7.94
CA GLN A 123 21.85 7.75 6.75
C GLN A 123 22.67 6.88 5.81
N GLU A 124 23.59 6.08 6.36
CA GLU A 124 24.42 5.18 5.55
C GLU A 124 23.57 4.12 4.83
N TYR A 125 22.67 3.45 5.57
CA TYR A 125 21.85 2.40 4.99
C TYR A 125 20.88 2.92 3.95
N PHE A 126 20.25 4.09 4.18
CA PHE A 126 19.35 4.65 3.16
C PHE A 126 20.14 5.03 1.91
N HIS A 127 21.37 5.56 2.08
CA HIS A 127 22.22 5.88 0.93
C HIS A 127 22.49 4.60 0.10
N ASP A 128 22.84 3.51 0.79
CA ASP A 128 23.09 2.23 0.11
C ASP A 128 21.82 1.69 -0.56
N MET A 129 20.68 1.70 0.14
CA MET A 129 19.41 1.19 -0.41
C MET A 129 19.02 1.95 -1.67
N ASN A 130 19.19 3.28 -1.64
CA ASN A 130 18.90 4.13 -2.80
C ASN A 130 19.81 3.80 -3.98
N SER A 131 21.09 3.56 -3.72
CA SER A 131 22.06 3.26 -4.76
CA SER A 131 22.04 3.26 -4.78
C SER A 131 21.94 1.82 -5.30
N LEU A 132 21.29 0.93 -4.54
CA LEU A 132 21.18 -0.47 -4.91
C LEU A 132 19.79 -0.95 -5.33
N ASN A 133 18.94 -0.03 -5.77
CA ASN A 133 17.62 -0.33 -6.32
CA ASN A 133 17.61 -0.30 -6.31
C ASN A 133 16.67 -1.01 -5.34
N VAL A 134 16.74 -0.63 -4.05
CA VAL A 134 15.81 -1.16 -3.07
C VAL A 134 14.54 -0.31 -3.29
N ILE A 135 13.44 -0.93 -3.72
CA ILE A 135 12.19 -0.20 -4.00
C ILE A 135 11.21 -0.20 -2.84
N ALA A 136 11.45 -1.05 -1.83
CA ALA A 136 10.55 -1.13 -0.68
C ALA A 136 11.31 -1.55 0.54
N LEU A 137 11.01 -0.89 1.66
CA LEU A 137 11.58 -1.26 2.94
C LEU A 137 10.39 -1.35 3.90
N THR A 138 10.18 -2.51 4.49
CA THR A 138 9.12 -2.69 5.46
C THR A 138 9.75 -2.78 6.85
N ILE A 139 9.22 -2.05 7.81
CA ILE A 139 9.72 -2.07 9.18
C ILE A 139 8.63 -2.67 10.06
N SER A 140 8.98 -3.63 10.92
CA SER A 140 8.00 -4.22 11.81
C SER A 140 8.16 -3.65 13.21
N TYR A 141 7.08 -3.15 13.79
CA TYR A 141 7.13 -2.66 15.15
C TYR A 141 5.76 -2.81 15.79
N ASP A 142 5.75 -3.33 17.01
CA ASP A 142 4.53 -3.64 17.74
C ASP A 142 4.92 -4.05 19.16
N GLU A 143 3.94 -4.49 19.99
CA GLU A 143 4.23 -4.87 21.37
C GLU A 143 5.10 -6.12 21.50
N TYR A 144 5.17 -6.94 20.45
CA TYR A 144 5.98 -8.15 20.46
C TYR A 144 7.44 -7.85 20.15
N HIS A 145 7.69 -6.87 19.27
CA HIS A 145 9.04 -6.43 18.91
C HIS A 145 9.60 -5.41 19.95
N ALA A 146 8.72 -4.64 20.61
CA ALA A 146 9.09 -3.56 21.54
C ALA A 146 10.11 -3.93 22.63
N PRO A 147 10.10 -5.14 23.24
CA PRO A 147 11.15 -5.43 24.25
C PRO A 147 12.56 -5.47 23.64
N PHE A 148 12.68 -5.58 22.29
CA PHE A 148 13.97 -5.76 21.63
C PHE A 148 14.49 -4.54 20.88
N VAL A 149 13.58 -3.64 20.48
CA VAL A 149 13.97 -2.46 19.71
C VAL A 149 13.29 -1.25 20.31
N LYS A 150 14.06 -0.17 20.51
CA LYS A 150 13.51 1.06 21.07
C LYS A 150 12.69 1.80 20.04
N SER A 151 11.66 2.49 20.51
CA SER A 151 10.78 3.29 19.65
C SER A 151 11.59 4.35 18.87
N SER A 152 12.63 4.96 19.49
CA SER A 152 13.47 5.97 18.84
C SER A 152 14.14 5.42 17.60
N SER A 153 14.54 4.15 17.61
CA SER A 153 15.16 3.53 16.43
C SER A 153 14.20 3.50 15.25
N ILE A 154 12.93 3.14 15.52
CA ILE A 154 11.89 3.08 14.50
C ILE A 154 11.60 4.50 14.00
N LYS A 155 11.50 5.45 14.93
CA LYS A 155 11.26 6.85 14.55
C LYS A 155 12.36 7.37 13.62
N ASN A 156 13.64 7.08 13.92
CA ASN A 156 14.74 7.59 13.09
C ASN A 156 14.64 7.09 11.66
N ILE A 157 14.28 5.81 11.50
CA ILE A 157 14.14 5.22 10.18
C ILE A 157 12.98 5.87 9.42
N LEU A 158 11.82 5.94 10.08
CA LEU A 158 10.64 6.51 9.43
C LEU A 158 10.85 7.97 9.03
N GLU A 159 11.48 8.77 9.89
CA GLU A 159 11.74 10.15 9.58
C GLU A 159 12.71 10.29 8.42
N HIS A 160 13.81 9.50 8.44
CA HIS A 160 14.80 9.62 7.35
C HIS A 160 14.26 9.17 5.99
N SER A 161 13.31 8.23 6.00
CA SER A 161 12.69 7.74 4.78
C SER A 161 12.05 8.84 3.94
N ARG A 162 11.68 9.97 4.56
CA ARG A 162 11.11 11.10 3.82
C ARG A 162 12.10 11.66 2.80
N LYS A 163 13.40 11.47 3.00
CA LYS A 163 14.40 11.95 2.05
C LYS A 163 14.53 11.04 0.82
N TYR A 164 13.90 9.84 0.85
CA TYR A 164 13.98 8.85 -0.20
C TYR A 164 12.58 8.45 -0.64
N PRO A 165 11.89 9.34 -1.35
CA PRO A 165 10.49 9.04 -1.74
C PRO A 165 10.33 7.87 -2.71
N ASP A 166 11.39 7.43 -3.37
CA ASP A 166 11.29 6.27 -4.27
C ASP A 166 11.39 4.92 -3.55
N ILE A 167 11.65 4.92 -2.22
CA ILE A 167 11.63 3.69 -1.46
C ILE A 167 10.25 3.65 -0.80
N ASP A 168 9.44 2.64 -1.11
CA ASP A 168 8.12 2.51 -0.51
C ASP A 168 8.29 2.03 0.94
N ILE A 169 7.89 2.87 1.90
CA ILE A 169 8.05 2.51 3.31
CA ILE A 169 8.03 2.57 3.31
C ILE A 169 6.72 2.18 3.93
N SER A 170 6.71 1.07 4.68
N SER A 170 6.72 1.12 4.73
CA SER A 170 5.53 0.58 5.39
CA SER A 170 5.52 0.68 5.41
C SER A 170 5.91 0.17 6.81
C SER A 170 5.86 0.07 6.77
N LEU A 171 4.90 0.10 7.68
CA LEU A 171 5.07 -0.39 9.03
C LEU A 171 4.12 -1.57 9.22
N ASN A 172 4.66 -2.71 9.63
CA ASN A 172 3.87 -3.92 9.90
C ASN A 172 3.69 -4.04 11.42
N MET A 173 2.44 -4.21 11.91
CA MET A 173 2.23 -4.37 13.35
C MET A 173 1.46 -5.65 13.60
N ALA A 174 2.11 -6.63 14.22
CA ALA A 174 1.49 -7.90 14.53
C ALA A 174 0.79 -7.72 15.87
N VAL A 175 -0.52 -8.02 15.92
CA VAL A 175 -1.30 -7.75 17.14
C VAL A 175 -2.12 -8.95 17.58
N THR A 176 -2.49 -8.94 18.86
CA THR A 176 -3.42 -9.86 19.51
C THR A 176 -4.44 -8.98 20.30
N LYS A 177 -5.55 -9.55 20.75
CA LYS A 177 -6.57 -8.79 21.47
C LYS A 177 -6.06 -8.09 22.71
N ASP A 178 -5.07 -8.68 23.38
CA ASP A 178 -4.47 -8.13 24.59
C ASP A 178 -3.30 -7.17 24.28
N LYS A 179 -2.80 -7.15 23.03
CA LYS A 179 -1.64 -6.35 22.62
C LYS A 179 -1.93 -5.74 21.24
N MET A 180 -2.80 -4.72 21.21
CA MET A 180 -3.25 -4.09 19.98
C MET A 180 -2.35 -2.97 19.46
N SER A 181 -1.22 -2.69 20.11
CA SER A 181 -0.24 -1.66 19.69
C SER A 181 -0.84 -0.25 19.59
N ASN A 182 -1.82 0.07 20.44
CA ASN A 182 -2.39 1.42 20.40
C ASN A 182 -1.39 2.43 20.96
N HIS A 183 -0.77 2.10 22.12
CA HIS A 183 0.21 3.01 22.71
CA HIS A 183 0.21 3.04 22.68
C HIS A 183 1.49 3.07 21.85
N ILE A 184 1.86 1.97 21.17
CA ILE A 184 3.04 1.95 20.30
C ILE A 184 2.91 3.06 19.23
N LEU A 185 1.74 3.10 18.55
CA LEU A 185 1.49 4.04 17.47
C LEU A 185 1.46 5.47 17.93
N GLU A 186 0.89 5.70 19.13
CA GLU A 186 0.89 7.04 19.71
C GLU A 186 2.30 7.50 20.02
N GLU A 187 3.16 6.59 20.55
N GLU A 187 3.14 6.62 20.60
CA GLU A 187 4.54 6.90 20.93
CA GLU A 187 4.51 7.00 20.95
C GLU A 187 5.50 7.07 19.75
C GLU A 187 5.34 7.31 19.71
N LEU A 188 5.11 6.62 18.57
CA LEU A 188 5.87 6.91 17.34
C LEU A 188 5.66 8.39 16.90
N GLY A 189 4.59 9.03 17.40
CA GLY A 189 4.36 10.45 17.19
C GLY A 189 4.19 10.80 15.73
N ASP A 190 4.74 11.93 15.29
CA ASP A 190 4.59 12.33 13.90
C ASP A 190 5.51 11.59 12.92
N SER A 191 6.41 10.70 13.41
CA SER A 191 7.30 9.95 12.54
CA SER A 191 7.30 9.95 12.51
C SER A 191 6.51 9.01 11.58
N ILE A 192 5.27 8.62 11.96
CA ILE A 192 4.47 7.71 11.12
C ILE A 192 3.67 8.47 10.06
N LEU A 193 3.71 9.82 10.02
CA LEU A 193 2.93 10.56 9.04
C LEU A 193 3.44 10.25 7.62
N GLY A 194 2.52 9.85 6.75
CA GLY A 194 2.82 9.49 5.37
C GLY A 194 3.22 8.03 5.19
N VAL A 195 3.34 7.25 6.27
CA VAL A 195 3.77 5.85 6.22
C VAL A 195 2.56 4.92 6.22
N LYS A 196 2.50 3.96 5.29
CA LYS A 196 1.39 3.00 5.29
CA LYS A 196 1.39 3.00 5.28
C LYS A 196 1.55 2.05 6.46
N ILE A 197 0.55 1.99 7.31
CA ILE A 197 0.57 1.10 8.45
C ILE A 197 -0.43 -0.03 8.25
N THR A 198 -0.04 -1.26 8.57
CA THR A 198 -0.99 -2.37 8.54
C THR A 198 -0.87 -3.15 9.84
N LYS A 199 -1.99 -3.33 10.51
CA LYS A 199 -2.08 -4.16 11.70
C LYS A 199 -2.67 -5.47 11.24
N PHE A 200 -2.11 -6.59 11.71
CA PHE A 200 -2.59 -7.90 11.26
C PHE A 200 -2.59 -8.87 12.42
N PRO A 201 -3.46 -9.89 12.34
CA PRO A 201 -3.51 -10.88 13.43
C PRO A 201 -2.41 -11.94 13.30
N MET A 202 -2.33 -12.82 14.28
CA MET A 202 -1.33 -13.88 14.27
C MET A 202 -1.73 -15.15 13.58
N ILE A 203 -0.75 -15.80 12.97
CA ILE A 203 -0.87 -17.15 12.48
C ILE A 203 -0.32 -18.00 13.64
N SER A 204 -1.03 -19.08 13.99
CA SER A 204 -0.59 -19.94 15.08
CA SER A 204 -0.61 -19.94 15.07
C SER A 204 0.49 -20.91 14.62
N VAL A 205 1.71 -20.40 14.44
CA VAL A 205 2.90 -21.17 14.06
C VAL A 205 4.07 -20.65 14.88
N GLY A 206 5.14 -21.43 14.98
CA GLY A 206 6.33 -21.00 15.71
C GLY A 206 6.04 -20.65 17.14
N ALA A 207 6.63 -19.55 17.60
CA ALA A 207 6.44 -19.13 18.99
C ALA A 207 4.99 -18.74 19.32
N ALA A 208 4.19 -18.33 18.31
CA ALA A 208 2.80 -17.96 18.56
C ALA A 208 1.97 -19.14 19.06
N LYS A 209 2.34 -20.38 18.69
CA LYS A 209 1.61 -21.57 19.14
C LYS A 209 1.74 -21.80 20.64
N THR A 210 2.90 -21.48 21.23
CA THR A 210 3.13 -21.80 22.65
C THR A 210 3.21 -20.62 23.57
N ARG A 211 3.48 -19.43 23.05
CA ARG A 211 3.67 -18.25 23.89
C ARG A 211 2.51 -17.27 23.89
N ILE A 212 1.47 -17.53 23.10
CA ILE A 212 0.31 -16.64 23.03
C ILE A 212 -0.94 -17.47 23.30
N LYS A 213 -1.85 -16.97 24.15
CA LYS A 213 -3.10 -17.69 24.45
C LYS A 213 -3.95 -17.66 23.20
N GLN A 214 -4.46 -18.81 22.77
CA GLN A 214 -5.23 -18.87 21.53
C GLN A 214 -6.47 -17.97 21.57
N GLU A 215 -7.05 -17.73 22.76
CA GLU A 215 -8.21 -16.83 22.88
CA GLU A 215 -8.20 -16.82 22.92
C GLU A 215 -7.85 -15.35 22.58
N ASN A 216 -6.56 -15.00 22.60
CA ASN A 216 -6.13 -13.63 22.28
C ASN A 216 -5.87 -13.45 20.76
N ILE A 217 -5.94 -14.52 19.97
CA ILE A 217 -5.75 -14.43 18.54
C ILE A 217 -7.10 -14.21 17.91
N HIS A 218 -7.26 -13.13 17.14
CA HIS A 218 -8.53 -12.79 16.49
C HIS A 218 -9.06 -13.92 15.60
N LYS A 219 -10.38 -14.09 15.54
CA LYS A 219 -10.98 -15.11 14.69
C LYS A 219 -11.85 -14.39 13.68
N PHE A 220 -11.49 -14.48 12.40
CA PHE A 220 -12.23 -13.85 11.33
C PHE A 220 -12.91 -14.84 10.39
N TYR A 221 -12.50 -16.11 10.40
CA TYR A 221 -13.02 -17.12 9.49
C TYR A 221 -13.42 -18.36 10.27
N SER A 222 -14.33 -19.16 9.71
CA SER A 222 -14.73 -20.42 10.29
C SER A 222 -14.81 -21.51 9.20
N LEU A 223 -14.88 -22.80 9.59
CA LEU A 223 -15.02 -23.89 8.64
C LEU A 223 -16.33 -23.82 7.81
N GLU A 224 -17.22 -22.86 8.10
CA GLU A 224 -18.49 -22.68 7.37
C GLU A 224 -18.41 -21.70 6.20
N ASP A 225 -17.61 -20.62 6.30
CA ASP A 225 -17.51 -19.67 5.19
C ASP A 225 -16.52 -20.14 4.12
N GLU A 226 -16.84 -21.30 3.50
CA GLU A 226 -16.02 -21.97 2.49
C GLU A 226 -15.87 -21.20 1.16
N ASP A 227 -16.80 -20.28 0.86
CA ASP A 227 -16.72 -19.52 -0.38
C ASP A 227 -15.64 -18.42 -0.34
N SER A 228 -15.25 -17.97 0.85
CA SER A 228 -14.17 -16.99 1.02
C SER A 228 -12.80 -17.66 1.34
N LEU A 229 -12.73 -19.00 1.36
CA LEU A 229 -11.49 -19.69 1.63
C LEU A 229 -10.74 -19.95 0.31
N HIS A 230 -9.94 -18.95 -0.09
CA HIS A 230 -9.17 -19.03 -1.32
C HIS A 230 -7.79 -18.47 -1.05
N CYS A 231 -6.77 -19.14 -1.58
CA CYS A 231 -5.39 -18.68 -1.42
C CYS A 231 -5.22 -17.42 -2.31
N PRO A 232 -4.59 -16.36 -1.79
CA PRO A 232 -4.41 -15.14 -2.60
C PRO A 232 -3.45 -15.27 -3.80
N GLY A 233 -2.57 -16.25 -3.78
CA GLY A 233 -1.62 -16.44 -4.88
C GLY A 233 -0.31 -17.04 -4.41
N TYR A 234 0.57 -17.40 -5.35
CA TYR A 234 1.86 -17.98 -4.97
C TYR A 234 2.99 -16.98 -5.17
N ASP A 235 4.04 -17.09 -4.36
CA ASP A 235 5.24 -16.24 -4.44
C ASP A 235 6.39 -17.10 -3.94
N ILE A 236 7.31 -17.48 -4.82
CA ILE A 236 8.36 -18.43 -4.47
C ILE A 236 9.33 -17.92 -3.41
N VAL A 237 9.55 -18.75 -2.36
CA VAL A 237 10.49 -18.41 -1.28
C VAL A 237 11.52 -19.51 -1.10
N TYR A 238 12.81 -19.16 -1.19
CA TYR A 238 13.91 -20.08 -0.90
C TYR A 238 14.17 -19.84 0.58
N HIS A 239 13.74 -20.78 1.43
CA HIS A 239 13.74 -20.61 2.88
C HIS A 239 15.05 -20.95 3.58
N HIS A 240 15.21 -20.48 4.83
CA HIS A 240 16.42 -20.70 5.62
C HIS A 240 16.59 -22.17 6.04
N ASP A 241 15.54 -22.99 5.93
CA ASP A 241 15.69 -24.43 6.19
C ASP A 241 16.21 -25.18 4.94
N GLY A 242 16.55 -24.46 3.87
CA GLY A 242 17.05 -25.09 2.64
C GLY A 242 15.95 -25.62 1.72
N GLU A 243 14.67 -25.48 2.09
N GLU A 243 14.68 -25.46 2.11
CA GLU A 243 13.56 -25.90 1.26
CA GLU A 243 13.53 -25.89 1.32
C GLU A 243 13.04 -24.69 0.45
C GLU A 243 12.95 -24.69 0.55
N ILE A 244 12.10 -24.95 -0.45
CA ILE A 244 11.51 -23.90 -1.28
C ILE A 244 10.03 -23.99 -1.07
N TYR A 245 9.38 -22.86 -0.80
CA TYR A 245 7.96 -22.83 -0.51
C TYR A 245 7.21 -22.02 -1.56
N PRO A 246 5.90 -22.30 -1.73
CA PRO A 246 5.14 -21.59 -2.77
C PRO A 246 4.61 -20.22 -2.38
N CYS A 247 4.81 -19.77 -1.14
CA CYS A 247 4.37 -18.45 -0.74
C CYS A 247 5.23 -17.94 0.44
N ALA A 248 4.98 -16.71 0.89
CA ALA A 248 5.71 -16.15 2.04
C ALA A 248 4.76 -15.91 3.21
N SER A 249 3.72 -16.77 3.37
CA SER A 249 2.85 -16.64 4.54
C SER A 249 3.57 -17.35 5.69
N PRO A 250 3.46 -16.86 6.94
CA PRO A 250 4.01 -17.61 8.08
C PRO A 250 3.53 -19.05 8.14
N ALA A 251 2.29 -19.30 7.70
CA ALA A 251 1.72 -20.65 7.81
C ALA A 251 2.46 -21.72 6.99
N ILE A 252 2.96 -21.35 5.81
CA ILE A 252 3.48 -22.34 4.87
C ILE A 252 4.72 -23.07 5.38
N PHE A 253 5.52 -22.40 6.18
CA PHE A 253 6.79 -22.95 6.62
C PHE A 253 6.67 -24.12 7.57
N GLU A 254 5.50 -24.33 8.18
CA GLU A 254 5.28 -25.53 8.99
C GLU A 254 4.54 -26.64 8.17
N THR A 255 4.29 -26.41 6.86
CA THR A 255 3.67 -27.43 6.00
C THR A 255 4.77 -28.27 5.38
N LYS A 256 4.38 -29.43 4.80
CA LYS A 256 5.32 -30.22 4.04
C LYS A 256 5.20 -29.93 2.54
N ILE A 257 4.67 -28.78 2.13
CA ILE A 257 4.57 -28.43 0.72
C ILE A 257 5.89 -27.77 0.31
N THR A 258 6.80 -28.54 -0.27
N THR A 258 6.81 -28.56 -0.26
CA THR A 258 8.08 -27.99 -0.73
CA THR A 258 8.14 -28.08 -0.66
C THR A 258 8.22 -28.21 -2.22
C THR A 258 8.42 -28.32 -2.14
N LEU A 259 8.93 -27.29 -2.84
CA LEU A 259 9.21 -27.33 -4.26
C LEU A 259 10.65 -27.73 -4.56
N ARG A 260 11.45 -28.13 -3.55
CA ARG A 260 12.83 -28.53 -3.80
C ARG A 260 12.95 -30.03 -3.99
N GLU A 261 13.60 -30.46 -5.08
CA GLU A 261 13.85 -31.88 -5.31
C GLU A 261 15.36 -32.20 -5.25
N GLU A 262 16.23 -31.20 -5.39
CA GLU A 262 17.66 -31.43 -5.30
C GLU A 262 18.40 -30.16 -4.86
N TYR A 263 19.62 -30.34 -4.38
CA TYR A 263 20.47 -29.28 -3.86
C TYR A 263 20.70 -28.13 -4.86
N ASN A 264 21.10 -28.47 -6.09
CA ASN A 264 21.36 -27.48 -7.14
C ASN A 264 20.21 -27.56 -8.12
N GLN A 265 19.16 -26.83 -7.83
CA GLN A 265 17.95 -26.81 -8.62
C GLN A 265 17.84 -25.39 -9.20
N SER A 266 17.54 -25.26 -10.51
CA SER A 266 17.41 -23.93 -11.11
C SER A 266 16.06 -23.31 -10.78
N PHE A 267 15.96 -21.98 -10.97
CA PHE A 267 14.70 -21.29 -10.80
C PHE A 267 13.71 -21.76 -11.87
N GLU A 268 14.18 -22.09 -13.10
CA GLU A 268 13.31 -22.64 -14.15
C GLU A 268 12.61 -23.91 -13.63
N ARG A 269 13.39 -24.77 -12.98
CA ARG A 269 12.85 -26.01 -12.45
C ARG A 269 11.89 -25.73 -11.29
N THR A 270 12.23 -24.80 -10.38
CA THR A 270 11.32 -24.46 -9.28
C THR A 270 9.97 -23.97 -9.83
N VAL A 271 10.01 -23.09 -10.85
CA VAL A 271 8.80 -22.56 -11.49
C VAL A 271 8.00 -23.68 -12.16
N GLU A 272 8.69 -24.57 -12.90
CA GLU A 272 8.03 -25.70 -13.56
C GLU A 272 7.33 -26.59 -12.50
N LYS A 273 8.01 -26.87 -11.38
CA LYS A 273 7.46 -27.70 -10.32
C LYS A 273 6.24 -27.03 -9.70
N LEU A 274 6.31 -25.72 -9.45
CA LEU A 274 5.17 -24.99 -8.89
C LEU A 274 3.95 -25.08 -9.82
N ASN A 275 4.19 -24.86 -11.12
CA ASN A 275 3.10 -24.89 -12.11
C ASN A 275 2.56 -26.30 -12.39
N SER A 276 3.30 -27.35 -12.03
CA SER A 276 2.82 -28.73 -12.25
C SER A 276 2.46 -29.46 -10.93
N ASN A 277 2.47 -28.76 -9.80
CA ASN A 277 2.16 -29.38 -8.52
C ASN A 277 0.63 -29.55 -8.48
N LEU A 278 0.17 -30.80 -8.44
CA LEU A 278 -1.26 -31.10 -8.48
C LEU A 278 -2.01 -30.52 -7.28
N LEU A 279 -1.46 -30.64 -6.08
CA LEU A 279 -2.10 -30.11 -4.87
C LEU A 279 -2.28 -28.60 -4.98
N LEU A 280 -1.21 -27.88 -5.38
CA LEU A 280 -1.30 -26.43 -5.53
C LEU A 280 -2.20 -26.01 -6.69
N PHE A 281 -2.27 -26.82 -7.73
CA PHE A 281 -3.17 -26.54 -8.87
C PHE A 281 -4.62 -26.63 -8.38
N ILE A 282 -4.96 -27.73 -7.69
CA ILE A 282 -6.32 -27.91 -7.14
C ILE A 282 -6.67 -26.83 -6.15
N LEU A 283 -5.71 -26.45 -5.29
CA LEU A 283 -5.94 -25.36 -4.35
C LEU A 283 -6.28 -24.04 -5.08
N ARG A 284 -5.51 -23.69 -6.11
CA ARG A 284 -5.75 -22.46 -6.85
CA ARG A 284 -5.72 -22.48 -6.90
C ARG A 284 -7.09 -22.50 -7.60
N LYS A 285 -7.41 -23.62 -8.24
CA LYS A 285 -8.63 -23.78 -9.01
C LYS A 285 -9.89 -23.92 -8.18
N GLU A 286 -9.84 -24.74 -7.14
CA GLU A 286 -11.02 -25.13 -6.36
C GLU A 286 -11.17 -24.47 -5.00
N GLY A 287 -10.08 -23.94 -4.45
CA GLY A 287 -10.12 -23.34 -3.13
C GLY A 287 -10.04 -24.37 -2.01
N PHE A 288 -10.02 -23.90 -0.76
CA PHE A 288 -9.93 -24.77 0.40
C PHE A 288 -11.13 -25.65 0.60
N LYS A 289 -12.32 -25.22 0.11
CA LYS A 289 -13.52 -26.06 0.27
C LYS A 289 -13.35 -27.45 -0.34
N TRP A 290 -12.51 -27.58 -1.39
CA TRP A 290 -12.31 -28.89 -2.01
C TRP A 290 -11.67 -29.87 -0.99
N PHE A 291 -10.68 -29.39 -0.25
CA PHE A 291 -9.98 -30.21 0.74
C PHE A 291 -10.84 -30.36 2.00
N LEU A 292 -11.47 -29.28 2.45
CA LEU A 292 -12.31 -29.34 3.65
C LEU A 292 -13.49 -30.27 3.48
N ASN A 293 -14.14 -30.25 2.31
CA ASN A 293 -15.29 -31.14 2.08
C ASN A 293 -14.86 -32.61 2.14
N ILE A 294 -13.65 -32.94 1.65
CA ILE A 294 -13.17 -34.32 1.74
C ILE A 294 -13.00 -34.74 3.22
N LEU A 295 -12.39 -33.86 4.02
CA LEU A 295 -12.21 -34.14 5.44
C LEU A 295 -13.54 -34.26 6.15
N LYS A 296 -14.50 -33.38 5.85
CA LYS A 296 -15.84 -33.45 6.46
C LYS A 296 -16.57 -34.73 6.08
N GLU A 297 -16.63 -35.05 4.79
N GLU A 297 -16.64 -35.06 4.77
CA GLU A 297 -17.32 -36.26 4.33
CA GLU A 297 -17.38 -36.27 4.36
C GLU A 297 -16.72 -37.52 4.96
C GLU A 297 -16.70 -37.57 4.84
N ASN A 298 -15.40 -37.52 5.19
CA ASN A 298 -14.70 -38.67 5.77
C ASN A 298 -14.51 -38.57 7.29
N ASN A 299 -15.13 -37.56 7.94
CA ASN A 299 -15.14 -37.39 9.39
C ASN A 299 -13.72 -37.31 9.96
N LYS A 300 -12.86 -36.51 9.30
CA LYS A 300 -11.44 -36.33 9.62
C LYS A 300 -11.09 -34.97 10.24
N ILE A 301 -12.09 -34.09 10.43
CA ILE A 301 -11.81 -32.75 10.99
C ILE A 301 -11.15 -32.83 12.39
N GLU A 302 -11.66 -33.66 13.30
CA GLU A 302 -11.07 -33.77 14.64
C GLU A 302 -9.75 -34.55 14.60
N GLU A 303 -9.70 -35.61 13.82
CA GLU A 303 -8.52 -36.46 13.69
C GLU A 303 -7.32 -35.67 13.20
N PHE A 304 -7.54 -34.78 12.23
CA PHE A 304 -6.46 -33.95 11.69
C PHE A 304 -6.30 -32.60 12.42
N ASP A 305 -6.95 -32.44 13.59
CA ASP A 305 -6.87 -31.23 14.40
C ASP A 305 -7.17 -29.96 13.63
N ILE A 306 -8.18 -30.00 12.74
CA ILE A 306 -8.54 -28.79 12.00
C ILE A 306 -9.34 -27.90 12.98
N PRO A 307 -8.85 -26.71 13.30
CA PRO A 307 -9.60 -25.83 14.21
C PRO A 307 -10.90 -25.34 13.56
N TYR A 308 -11.86 -24.89 14.36
CA TYR A 308 -13.14 -24.43 13.84
C TYR A 308 -13.05 -23.00 13.32
N GLU A 309 -12.26 -22.16 14.00
CA GLU A 309 -12.12 -20.75 13.63
C GLU A 309 -10.67 -20.38 13.39
N PHE A 310 -10.43 -19.33 12.57
CA PHE A 310 -9.07 -18.97 12.16
C PHE A 310 -8.94 -17.46 12.01
N SER A 311 -7.74 -16.93 12.23
CA SER A 311 -7.47 -15.50 12.03
C SER A 311 -7.28 -15.14 10.56
N SER A 312 -6.93 -16.13 9.73
CA SER A 312 -6.59 -15.90 8.34
C SER A 312 -6.87 -17.16 7.50
N ILE A 313 -7.05 -17.03 6.18
CA ILE A 313 -7.22 -18.21 5.31
CA ILE A 313 -7.21 -18.24 5.34
C ILE A 313 -5.95 -19.13 5.42
N CYS A 314 -4.78 -18.52 5.66
CA CYS A 314 -3.55 -19.29 5.81
C CYS A 314 -3.57 -20.24 7.00
N GLY A 315 -4.35 -19.91 8.03
CA GLY A 315 -4.51 -20.81 9.17
C GLY A 315 -5.20 -22.09 8.76
N VAL A 316 -6.14 -22.03 7.81
CA VAL A 316 -6.82 -23.20 7.27
C VAL A 316 -5.75 -24.02 6.48
N CYS A 317 -4.99 -23.32 5.60
CA CYS A 317 -3.93 -23.91 4.78
C CYS A 317 -2.93 -24.73 5.64
N GLY A 318 -2.36 -24.07 6.64
CA GLY A 318 -1.41 -24.70 7.56
C GLY A 318 -1.96 -25.94 8.26
N SER A 319 -3.23 -25.91 8.70
CA SER A 319 -3.82 -27.07 9.37
C SER A 319 -4.06 -28.25 8.43
N LEU A 320 -4.29 -27.99 7.14
CA LEU A 320 -4.54 -29.08 6.19
C LEU A 320 -3.27 -29.81 5.79
N PHE A 321 -2.15 -29.09 5.74
CA PHE A 321 -0.96 -29.63 5.11
C PHE A 321 0.28 -29.67 5.97
N ASN A 322 0.15 -29.63 7.31
CA ASN A 322 1.33 -29.58 8.17
C ASN A 322 1.88 -30.95 8.60
N SER A 323 1.57 -31.99 7.83
CA SER A 323 2.20 -33.29 8.02
C SER A 323 2.16 -34.05 6.70
N ALA A 324 3.07 -35.01 6.53
CA ALA A 324 3.08 -35.85 5.35
C ALA A 324 1.80 -36.70 5.32
N GLU A 325 1.30 -37.17 6.49
CA GLU A 325 0.08 -37.96 6.57
C GLU A 325 -1.11 -37.17 5.98
N LYS A 326 -1.22 -35.89 6.35
CA LYS A 326 -2.32 -35.05 5.91
C LYS A 326 -2.25 -34.84 4.41
N ILE A 327 -1.08 -34.47 3.86
CA ILE A 327 -0.95 -34.30 2.43
C ILE A 327 -1.25 -35.59 1.67
N ASN A 328 -0.64 -36.70 2.11
CA ASN A 328 -0.82 -38.01 1.48
C ASN A 328 -2.27 -38.53 1.57
N TYR A 329 -3.02 -38.11 2.59
CA TYR A 329 -4.43 -38.50 2.72
C TYR A 329 -5.25 -38.05 1.47
N PHE A 330 -4.93 -36.87 0.94
CA PHE A 330 -5.63 -36.33 -0.23
C PHE A 330 -5.23 -36.98 -1.56
N TYR A 331 -4.09 -37.69 -1.60
CA TYR A 331 -3.58 -38.27 -2.86
C TYR A 331 -4.63 -39.01 -3.71
N PRO A 332 -5.39 -40.02 -3.23
CA PRO A 332 -6.36 -40.69 -4.13
C PRO A 332 -7.45 -39.75 -4.66
N TYR A 333 -7.81 -38.72 -3.88
CA TYR A 333 -8.80 -37.74 -4.30
C TYR A 333 -8.23 -36.82 -5.38
N MET A 334 -6.97 -36.43 -5.24
CA MET A 334 -6.31 -35.59 -6.24
C MET A 334 -6.05 -36.38 -7.53
N GLU A 335 -5.75 -37.67 -7.42
CA GLU A 335 -5.56 -38.58 -8.55
C GLU A 335 -6.88 -38.71 -9.33
N LYS A 336 -8.01 -38.84 -8.61
CA LYS A 336 -9.34 -38.91 -9.22
C LYS A 336 -9.69 -37.58 -9.90
N TYR A 337 -9.31 -36.45 -9.29
CA TYR A 337 -9.55 -35.13 -9.87
C TYR A 337 -8.76 -35.00 -11.19
N TYR A 338 -7.51 -35.45 -11.20
CA TYR A 338 -6.64 -35.41 -12.37
C TYR A 338 -7.24 -36.24 -13.53
N ASN A 339 -7.72 -37.46 -13.21
CA ASN A 339 -8.31 -38.36 -14.20
C ASN A 339 -9.60 -37.79 -14.77
N GLU A 340 -10.41 -37.11 -13.96
CA GLU A 340 -11.68 -36.57 -14.41
C GLU A 340 -11.58 -35.25 -15.16
N ASN A 341 -10.56 -34.45 -14.88
CA ASN A 341 -10.42 -33.14 -15.51
C ASN A 341 -9.29 -33.01 -16.54
N PHE A 342 -8.27 -33.85 -16.46
CA PHE A 342 -7.13 -33.73 -17.39
C PHE A 342 -7.20 -34.75 -18.52
N LEU B 20 8.13 -0.88 -33.13
CA LEU B 20 8.54 0.25 -33.95
C LEU B 20 8.31 1.63 -33.26
N TYR B 21 7.68 1.65 -32.08
CA TYR B 21 7.40 2.90 -31.38
C TYR B 21 7.95 2.89 -29.98
N PHE B 22 8.62 3.98 -29.59
CA PHE B 22 9.08 4.09 -28.19
C PHE B 22 7.96 4.75 -27.36
N GLN B 23 8.15 4.94 -26.04
CA GLN B 23 7.13 5.49 -25.16
C GLN B 23 6.58 6.82 -25.67
N GLY B 24 5.27 6.93 -25.77
CA GLY B 24 4.64 8.16 -26.19
C GLY B 24 4.37 9.02 -24.96
N HIS B 25 3.18 9.63 -24.92
CA HIS B 25 2.79 10.45 -23.81
C HIS B 25 2.70 9.63 -22.52
N MET B 26 3.04 10.27 -21.43
CA MET B 26 2.87 9.69 -20.11
C MET B 26 1.55 10.21 -19.51
N TYR B 27 1.17 9.65 -18.36
CA TYR B 27 0.06 10.13 -17.55
C TYR B 27 -1.30 9.93 -18.17
N ASN B 28 -1.43 8.92 -19.04
CA ASN B 28 -2.70 8.68 -19.70
C ASN B 28 -3.37 7.37 -19.29
N LYS B 29 -2.86 6.69 -18.24
CA LYS B 29 -3.48 5.44 -17.81
C LYS B 29 -4.50 5.61 -16.67
N THR B 30 -4.58 6.78 -16.07
CA THR B 30 -5.53 7.02 -14.99
C THR B 30 -6.16 8.38 -15.22
N VAL B 31 -7.37 8.53 -14.71
CA VAL B 31 -8.06 9.82 -14.75
C VAL B 31 -8.98 9.89 -13.55
N SER B 32 -9.21 11.12 -13.05
CA SER B 32 -10.09 11.30 -11.91
C SER B 32 -11.12 12.35 -12.20
N ILE B 33 -12.30 12.21 -11.58
CA ILE B 33 -13.34 13.22 -11.71
C ILE B 33 -13.79 13.58 -10.33
N ASN B 34 -13.80 14.86 -10.02
CA ASN B 34 -14.34 15.33 -8.75
C ASN B 34 -15.81 15.66 -9.03
N LEU B 35 -16.71 14.80 -8.53
CA LEU B 35 -18.13 14.91 -8.86
C LEU B 35 -18.89 16.10 -8.33
N ASP B 36 -18.47 16.61 -7.17
CA ASP B 36 -19.21 17.70 -6.54
C ASP B 36 -18.44 18.22 -5.35
N SER B 37 -18.67 19.48 -5.00
CA SER B 37 -18.10 20.05 -3.78
C SER B 37 -19.07 19.78 -2.58
N ARG B 38 -20.33 19.38 -2.84
CA ARG B 38 -21.31 19.10 -1.80
C ARG B 38 -20.90 17.91 -0.98
N CYS B 39 -21.11 18.02 0.33
CA CYS B 39 -20.76 16.97 1.27
C CYS B 39 -21.73 17.00 2.46
N ASN B 40 -21.96 15.86 3.12
CA ASN B 40 -22.82 15.88 4.34
C ASN B 40 -21.99 16.43 5.52
N ALA B 41 -20.64 16.31 5.46
CA ALA B 41 -19.74 16.77 6.52
C ALA B 41 -19.28 18.24 6.21
N SER B 42 -18.63 18.90 7.19
CA SER B 42 -18.10 20.25 7.04
C SER B 42 -16.77 20.28 7.79
N CYS B 43 -15.87 19.33 7.46
CA CYS B 43 -14.57 19.20 8.14
C CYS B 43 -13.80 20.51 8.18
N ASP B 44 -13.23 20.83 9.34
CA ASP B 44 -12.49 22.08 9.51
C ASP B 44 -11.16 22.15 8.75
N HIS B 45 -10.68 21.03 8.20
CA HIS B 45 -9.46 21.05 7.39
C HIS B 45 -9.74 21.04 5.89
N CYS B 46 -11.00 20.77 5.48
CA CYS B 46 -11.32 20.49 4.11
C CYS B 46 -10.72 21.41 3.07
N CYS B 47 -9.88 20.84 2.19
CA CYS B 47 -9.23 21.61 1.12
C CYS B 47 -10.21 22.28 0.16
N PHE B 48 -11.45 21.78 0.10
CA PHE B 48 -12.49 22.37 -0.75
C PHE B 48 -13.55 23.16 0.02
N SER B 49 -13.42 23.24 1.35
CA SER B 49 -14.40 23.84 2.26
C SER B 49 -15.80 23.22 1.99
N SER B 50 -15.82 21.91 1.75
CA SER B 50 -17.05 21.20 1.43
C SER B 50 -18.04 21.26 2.56
N SER B 51 -19.31 21.25 2.19
CA SER B 51 -20.39 21.37 3.16
C SER B 51 -21.71 21.02 2.45
N PRO B 52 -22.81 20.83 3.21
CA PRO B 52 -24.10 20.56 2.57
C PRO B 52 -24.59 21.66 1.63
N THR B 53 -24.08 22.89 1.78
CA THR B 53 -24.53 24.01 0.95
C THR B 53 -23.54 24.42 -0.14
N SER B 54 -22.47 23.64 -0.37
CA SER B 54 -21.51 23.97 -1.41
C SER B 54 -22.18 23.81 -2.77
N THR B 55 -21.97 24.78 -3.66
CA THR B 55 -22.62 24.81 -4.97
C THR B 55 -21.69 24.62 -6.16
N THR B 56 -20.38 24.47 -5.93
CA THR B 56 -19.45 24.33 -7.06
C THR B 56 -19.46 22.91 -7.61
N ARG B 57 -19.80 22.75 -8.90
CA ARG B 57 -19.85 21.44 -9.52
CA ARG B 57 -19.85 21.43 -9.52
C ARG B 57 -20.02 21.55 -11.02
N MET B 58 -19.55 20.55 -11.76
CA MET B 58 -19.77 20.48 -13.19
C MET B 58 -21.23 19.94 -13.35
N GLU B 59 -21.86 20.20 -14.48
CA GLU B 59 -23.24 19.71 -14.72
C GLU B 59 -23.25 18.18 -14.86
N LYS B 60 -24.36 17.53 -14.44
CA LYS B 60 -24.44 16.07 -14.54
C LYS B 60 -24.26 15.56 -15.96
N GLU B 61 -24.91 16.20 -16.96
CA GLU B 61 -24.78 15.73 -18.34
C GLU B 61 -23.34 15.86 -18.85
N TYR B 62 -22.64 16.91 -18.44
CA TYR B 62 -21.25 17.14 -18.81
C TYR B 62 -20.38 16.00 -18.21
N ILE B 63 -20.63 15.64 -16.94
CA ILE B 63 -19.91 14.55 -16.28
C ILE B 63 -20.20 13.21 -16.98
N ARG B 64 -21.46 12.96 -17.35
CA ARG B 64 -21.80 11.73 -18.11
C ARG B 64 -20.98 11.64 -19.40
N GLU B 65 -20.82 12.76 -20.11
CA GLU B 65 -20.03 12.79 -21.35
C GLU B 65 -18.57 12.49 -21.04
N LEU B 66 -18.00 13.09 -19.96
CA LEU B 66 -16.62 12.82 -19.58
C LEU B 66 -16.43 11.33 -19.27
N VAL B 67 -17.32 10.75 -18.45
CA VAL B 67 -17.22 9.35 -18.07
C VAL B 67 -17.32 8.45 -19.28
N THR B 68 -18.25 8.76 -20.21
CA THR B 68 -18.40 7.97 -21.44
C THR B 68 -17.10 7.99 -22.25
N GLU B 69 -16.47 9.18 -22.34
CA GLU B 69 -15.22 9.33 -23.07
C GLU B 69 -14.10 8.52 -22.40
N PHE B 70 -14.01 8.60 -21.07
CA PHE B 70 -12.96 7.89 -20.35
C PHE B 70 -13.15 6.39 -20.45
N ALA B 71 -14.41 5.92 -20.46
CA ALA B 71 -14.69 4.50 -20.58
C ALA B 71 -14.27 4.02 -21.97
N LYS B 72 -14.57 4.78 -23.01
CA LYS B 72 -14.22 4.41 -24.39
C LYS B 72 -12.74 4.53 -24.71
N ASN B 73 -12.04 5.40 -23.96
CA ASN B 73 -10.64 5.71 -24.19
C ASN B 73 -9.76 4.47 -24.15
N LYS B 74 -8.82 4.39 -25.07
CA LYS B 74 -7.97 3.21 -25.20
C LYS B 74 -6.85 3.11 -24.19
N THR B 75 -6.37 4.21 -23.58
CA THR B 75 -5.25 4.13 -22.66
C THR B 75 -5.69 4.09 -21.19
N ILE B 76 -6.78 4.80 -20.82
CA ILE B 76 -7.24 4.85 -19.42
C ILE B 76 -7.56 3.46 -18.90
N GLN B 77 -6.91 3.06 -17.80
CA GLN B 77 -7.15 1.78 -17.14
C GLN B 77 -7.98 1.98 -15.87
N VAL B 78 -7.76 3.10 -15.17
CA VAL B 78 -8.42 3.39 -13.91
C VAL B 78 -9.12 4.74 -13.97
N ILE B 79 -10.36 4.77 -13.50
CA ILE B 79 -11.14 6.00 -13.38
C ILE B 79 -11.47 6.15 -11.90
N SER B 80 -11.08 7.27 -11.30
CA SER B 80 -11.27 7.50 -9.86
C SER B 80 -12.29 8.57 -9.62
N PHE B 81 -13.16 8.40 -8.61
CA PHE B 81 -14.15 9.42 -8.28
C PHE B 81 -13.84 9.99 -6.91
N THR B 82 -13.98 11.30 -6.78
CA THR B 82 -13.75 11.98 -5.50
C THR B 82 -14.74 13.17 -5.40
N GLY B 83 -14.69 13.90 -4.28
CA GLY B 83 -15.58 15.04 -4.05
C GLY B 83 -14.91 16.00 -3.08
N GLY B 84 -15.67 16.54 -2.11
CA GLY B 84 -17.08 16.23 -1.90
C GLY B 84 -17.30 14.82 -1.43
N GLU B 85 -18.57 14.44 -1.24
CA GLU B 85 -18.90 13.08 -0.85
C GLU B 85 -19.64 12.40 -2.00
N VAL B 86 -18.95 11.48 -2.73
CA VAL B 86 -19.54 10.83 -3.90
C VAL B 86 -20.69 9.91 -3.58
N PHE B 87 -20.80 9.40 -2.34
CA PHE B 87 -21.96 8.53 -2.01
C PHE B 87 -23.22 9.33 -1.66
N LEU B 88 -23.13 10.68 -1.60
CA LEU B 88 -24.27 11.52 -1.24
C LEU B 88 -25.36 11.39 -2.31
N ASP B 89 -24.98 11.37 -3.60
CA ASP B 89 -25.95 11.16 -4.67
C ASP B 89 -25.57 9.80 -5.26
N TYR B 90 -25.90 8.74 -4.53
CA TYR B 90 -25.52 7.40 -4.94
C TYR B 90 -26.13 6.99 -6.27
N LYS B 91 -27.38 7.40 -6.55
CA LYS B 91 -28.02 7.08 -7.83
C LYS B 91 -27.15 7.55 -9.02
N PHE B 92 -26.59 8.76 -8.91
CA PHE B 92 -25.75 9.29 -9.97
C PHE B 92 -24.42 8.55 -10.05
N LEU B 93 -23.80 8.23 -8.89
CA LEU B 93 -22.54 7.49 -8.88
C LEU B 93 -22.73 6.11 -9.54
N LYS B 94 -23.83 5.42 -9.18
CA LYS B 94 -24.09 4.11 -9.75
C LYS B 94 -24.32 4.19 -11.27
N GLU B 95 -24.99 5.25 -11.74
CA GLU B 95 -25.21 5.45 -13.17
CA GLU B 95 -25.22 5.48 -13.18
C GLU B 95 -23.87 5.58 -13.89
N LEU B 96 -22.94 6.33 -13.30
CA LEU B 96 -21.63 6.53 -13.91
C LEU B 96 -20.84 5.23 -13.94
N MET B 97 -20.89 4.46 -12.84
CA MET B 97 -20.20 3.17 -12.81
C MET B 97 -20.78 2.22 -13.87
N GLU B 98 -22.11 2.29 -14.11
CA GLU B 98 -22.72 1.45 -15.12
CA GLU B 98 -22.76 1.46 -15.11
C GLU B 98 -22.37 1.86 -16.54
N ILE B 99 -22.06 3.16 -16.76
CA ILE B 99 -21.59 3.62 -18.08
C ILE B 99 -20.22 2.93 -18.37
N ILE B 100 -19.37 2.84 -17.34
CA ILE B 100 -18.02 2.27 -17.47
C ILE B 100 -18.02 0.75 -17.63
N LYS B 101 -18.95 0.06 -16.96
CA LYS B 101 -19.05 -1.39 -16.90
C LYS B 101 -18.81 -2.13 -18.24
N PRO B 102 -19.50 -1.81 -19.36
CA PRO B 102 -19.23 -2.56 -20.62
C PRO B 102 -17.78 -2.47 -21.11
N TYR B 103 -17.07 -1.41 -20.72
CA TYR B 103 -15.68 -1.16 -21.11
C TYR B 103 -14.63 -1.76 -20.16
N GLU B 104 -15.08 -2.30 -19.02
CA GLU B 104 -14.26 -2.99 -18.05
C GLU B 104 -13.07 -2.19 -17.51
N LYS B 105 -13.26 -0.88 -17.28
CA LYS B 105 -12.21 -0.09 -16.65
C LYS B 105 -12.28 -0.32 -15.14
N GLN B 106 -11.16 -0.18 -14.43
CA GLN B 106 -11.13 -0.30 -12.98
C GLN B 106 -11.56 1.02 -12.37
N ILE B 107 -12.26 0.96 -11.24
CA ILE B 107 -12.75 2.19 -10.59
C ILE B 107 -12.25 2.28 -9.17
N THR B 108 -11.96 3.50 -8.71
CA THR B 108 -11.63 3.70 -7.29
C THR B 108 -12.62 4.71 -6.74
N LEU B 109 -12.93 4.55 -5.45
CA LEU B 109 -13.85 5.46 -4.77
C LEU B 109 -13.23 5.88 -3.45
N ILE B 110 -13.58 7.08 -3.00
CA ILE B 110 -13.16 7.55 -1.67
C ILE B 110 -14.35 8.19 -1.00
N SER B 111 -14.50 7.98 0.32
CA SER B 111 -15.69 8.41 1.00
C SER B 111 -15.48 8.66 2.48
N ASN B 112 -16.30 9.51 3.08
CA ASN B 112 -16.31 9.68 4.53
C ASN B 112 -17.11 8.54 5.24
N GLY B 113 -17.67 7.61 4.47
CA GLY B 113 -18.36 6.45 5.04
C GLY B 113 -19.63 6.73 5.80
N PHE B 114 -20.28 7.90 5.58
CA PHE B 114 -21.53 8.22 6.30
C PHE B 114 -22.60 7.13 6.10
N TRP B 115 -22.59 6.50 4.92
CA TRP B 115 -23.53 5.45 4.53
C TRP B 115 -23.38 4.15 5.34
N GLY B 116 -22.30 4.04 6.13
CA GLY B 116 -22.09 2.93 7.06
C GLY B 116 -23.13 2.93 8.19
N LEU B 117 -23.88 4.03 8.36
CA LEU B 117 -24.96 4.10 9.36
C LEU B 117 -26.03 3.04 9.05
N SER B 118 -26.17 2.67 7.78
CA SER B 118 -27.17 1.71 7.35
C SER B 118 -26.48 0.43 6.93
N LYS B 119 -26.70 -0.67 7.68
CA LYS B 119 -26.13 -1.97 7.29
C LYS B 119 -26.74 -2.42 5.93
N LYS B 120 -27.98 -1.98 5.61
CA LYS B 120 -28.62 -2.29 4.33
C LYS B 120 -27.86 -1.61 3.19
N LYS B 121 -27.49 -0.32 3.36
CA LYS B 121 -26.69 0.37 2.35
C LYS B 121 -25.30 -0.26 2.25
N VAL B 122 -24.70 -0.66 3.37
CA VAL B 122 -23.35 -1.27 3.33
C VAL B 122 -23.39 -2.56 2.49
N GLN B 123 -24.45 -3.38 2.72
CA GLN B 123 -24.61 -4.60 1.93
C GLN B 123 -24.75 -4.29 0.44
N GLU B 124 -25.70 -3.40 0.11
CA GLU B 124 -26.03 -3.06 -1.26
C GLU B 124 -24.83 -2.41 -1.97
N TYR B 125 -24.17 -1.47 -1.33
CA TYR B 125 -23.05 -0.75 -1.93
C TYR B 125 -21.85 -1.64 -2.22
N PHE B 126 -21.50 -2.56 -1.29
CA PHE B 126 -20.41 -3.50 -1.55
C PHE B 126 -20.78 -4.43 -2.68
N HIS B 127 -22.06 -4.87 -2.75
CA HIS B 127 -22.50 -5.73 -3.86
C HIS B 127 -22.32 -4.98 -5.20
N ASP B 128 -22.72 -3.71 -5.26
CA ASP B 128 -22.57 -2.91 -6.46
C ASP B 128 -21.10 -2.69 -6.80
N MET B 129 -20.27 -2.32 -5.83
CA MET B 129 -18.84 -2.09 -6.06
C MET B 129 -18.17 -3.34 -6.62
N ASN B 130 -18.52 -4.51 -6.07
CA ASN B 130 -17.97 -5.78 -6.55
C ASN B 130 -18.40 -6.07 -7.99
N SER B 131 -19.65 -5.78 -8.33
CA SER B 131 -20.18 -6.03 -9.67
CA SER B 131 -20.17 -6.04 -9.67
C SER B 131 -19.74 -4.99 -10.69
N LEU B 132 -19.26 -3.83 -10.24
CA LEU B 132 -18.89 -2.73 -11.12
C LEU B 132 -17.38 -2.44 -11.18
N ASN B 133 -16.55 -3.44 -10.86
CA ASN B 133 -15.10 -3.34 -10.98
CA ASN B 133 -15.09 -3.37 -10.96
C ASN B 133 -14.46 -2.24 -10.13
N VAL B 134 -15.00 -2.00 -8.93
CA VAL B 134 -14.39 -1.04 -8.03
C VAL B 134 -13.23 -1.83 -7.38
N ILE B 135 -11.98 -1.44 -7.64
CA ILE B 135 -10.82 -2.16 -7.13
C ILE B 135 -10.28 -1.58 -5.82
N ALA B 136 -10.73 -0.37 -5.42
CA ALA B 136 -10.25 0.25 -4.20
C ALA B 136 -11.32 1.15 -3.64
N LEU B 137 -11.43 1.13 -2.32
CA LEU B 137 -12.34 2.01 -1.61
C LEU B 137 -11.53 2.59 -0.47
N THR B 138 -11.39 3.90 -0.43
CA THR B 138 -10.71 4.57 0.66
C THR B 138 -11.74 5.24 1.57
N ILE B 139 -11.63 5.04 2.87
CA ILE B 139 -12.53 5.65 3.85
C ILE B 139 -11.72 6.65 4.65
N SER B 140 -12.22 7.87 4.82
CA SER B 140 -11.53 8.85 5.64
C SER B 140 -12.20 8.96 7.00
N TYR B 141 -11.39 8.83 8.06
CA TYR B 141 -11.93 8.99 9.40
C TYR B 141 -10.83 9.49 10.31
N ASP B 142 -11.16 10.50 11.11
CA ASP B 142 -10.22 11.16 12.00
C ASP B 142 -11.00 12.14 12.90
N GLU B 143 -10.30 12.95 13.72
CA GLU B 143 -10.97 13.89 14.60
C GLU B 143 -11.71 15.02 13.87
N TYR B 144 -11.34 15.27 12.60
CA TYR B 144 -11.99 16.33 11.80
C TYR B 144 -13.31 15.83 11.21
N HIS B 145 -13.35 14.54 10.82
CA HIS B 145 -14.56 13.92 10.27
C HIS B 145 -15.52 13.45 11.39
N ALA B 146 -14.99 13.10 12.57
CA ALA B 146 -15.75 12.56 13.71
C ALA B 146 -17.02 13.32 14.11
N PRO B 147 -17.10 14.68 14.08
CA PRO B 147 -18.38 15.33 14.41
C PRO B 147 -19.51 15.01 13.43
N PHE B 148 -19.18 14.47 12.23
CA PHE B 148 -20.16 14.26 11.17
C PHE B 148 -20.51 12.79 10.93
N VAL B 149 -19.61 11.87 11.30
CA VAL B 149 -19.85 10.44 11.06
C VAL B 149 -19.49 9.67 12.34
N LYS B 150 -20.34 8.73 12.76
CA LYS B 150 -20.08 7.95 13.96
C LYS B 150 -19.06 6.88 13.67
N SER B 151 -18.25 6.53 14.69
CA SER B 151 -17.23 5.47 14.59
C SER B 151 -17.88 4.13 14.18
N SER B 152 -19.06 3.83 14.75
CA SER B 152 -19.76 2.57 14.46
C SER B 152 -20.10 2.45 12.97
N SER B 153 -20.35 3.57 12.28
CA SER B 153 -20.65 3.57 10.85
C SER B 153 -19.39 3.16 10.06
N ILE B 154 -18.22 3.68 10.47
CA ILE B 154 -16.97 3.33 9.82
C ILE B 154 -16.67 1.85 10.06
N LYS B 155 -16.87 1.39 11.30
CA LYS B 155 -16.66 -0.02 11.64
C LYS B 155 -17.55 -0.94 10.78
N ASN B 156 -18.82 -0.55 10.51
CA ASN B 156 -19.70 -1.38 9.67
C ASN B 156 -19.12 -1.61 8.29
N ILE B 157 -18.53 -0.56 7.71
CA ILE B 157 -17.95 -0.65 6.38
C ILE B 157 -16.69 -1.51 6.41
N LEU B 158 -15.77 -1.22 7.35
CA LEU B 158 -14.52 -1.99 7.43
C LEU B 158 -14.78 -3.47 7.67
N GLU B 159 -15.74 -3.80 8.56
CA GLU B 159 -16.06 -5.21 8.82
C GLU B 159 -16.62 -5.89 7.60
N HIS B 160 -17.56 -5.25 6.92
CA HIS B 160 -18.19 -5.88 5.75
C HIS B 160 -17.20 -6.02 4.59
N SER B 161 -16.21 -5.11 4.50
CA SER B 161 -15.21 -5.15 3.44
C SER B 161 -14.39 -6.44 3.43
N ARG B 162 -14.31 -7.16 4.57
N ARG B 162 -14.32 -7.17 4.58
CA ARG B 162 -13.59 -8.43 4.62
CA ARG B 162 -13.61 -8.45 4.67
C ARG B 162 -14.20 -9.48 3.68
C ARG B 162 -14.23 -9.52 3.76
N LYS B 163 -15.53 -9.38 3.43
CA LYS B 163 -16.19 -10.31 2.54
C LYS B 163 -15.90 -10.05 1.06
N TYR B 164 -15.16 -8.99 0.74
CA TYR B 164 -14.82 -8.55 -0.60
C TYR B 164 -13.29 -8.39 -0.70
N PRO B 165 -12.58 -9.52 -0.72
CA PRO B 165 -11.11 -9.46 -0.76
C PRO B 165 -10.50 -8.80 -1.99
N ASP B 166 -11.25 -8.67 -3.09
CA ASP B 166 -10.72 -7.99 -4.28
C ASP B 166 -10.84 -6.47 -4.22
N ILE B 167 -11.41 -5.91 -3.14
CA ILE B 167 -11.50 -4.48 -3.01
C ILE B 167 -10.43 -4.07 -2.01
N ASP B 168 -9.47 -3.29 -2.47
CA ASP B 168 -8.40 -2.78 -1.63
C ASP B 168 -8.98 -1.70 -0.70
N ILE B 169 -8.93 -1.92 0.61
CA ILE B 169 -9.51 -0.97 1.55
C ILE B 169 -8.43 -0.19 2.22
N SER B 170 -8.57 1.12 2.31
CA SER B 170 -7.63 1.99 3.02
C SER B 170 -8.40 2.90 3.97
N LEU B 171 -7.71 3.41 5.02
CA LEU B 171 -8.27 4.39 5.95
C LEU B 171 -7.32 5.59 5.93
N ASN B 172 -7.84 6.76 5.61
CA ASN B 172 -7.05 7.99 5.56
C ASN B 172 -7.36 8.77 6.82
N MET B 173 -6.33 9.22 7.54
CA MET B 173 -6.57 9.98 8.78
C MET B 173 -5.79 11.29 8.70
N ALA B 174 -6.50 12.41 8.57
CA ALA B 174 -5.89 13.74 8.47
C ALA B 174 -5.67 14.23 9.89
N VAL B 175 -4.42 14.61 10.23
CA VAL B 175 -4.11 14.98 11.61
C VAL B 175 -3.37 16.33 11.71
N THR B 176 -3.45 16.93 12.90
CA THR B 176 -2.70 18.10 13.34
C THR B 176 -2.09 17.74 14.72
N LYS B 177 -1.14 18.54 15.20
CA LYS B 177 -0.47 18.25 16.49
C LYS B 177 -1.43 18.14 17.66
N ASP B 178 -2.52 18.90 17.61
CA ASP B 178 -3.54 18.92 18.67
C ASP B 178 -4.62 17.84 18.46
N LYS B 179 -4.69 17.23 17.25
CA LYS B 179 -5.69 16.23 16.91
C LYS B 179 -5.02 15.10 16.12
N MET B 180 -4.28 14.24 16.84
CA MET B 180 -3.50 13.17 16.23
C MET B 180 -4.25 11.86 16.00
N SER B 181 -5.56 11.81 16.29
CA SER B 181 -6.41 10.63 16.08
C SER B 181 -5.82 9.42 16.79
N ASN B 182 -5.30 9.63 18.01
CA ASN B 182 -4.67 8.57 18.78
C ASN B 182 -5.65 7.55 19.33
N HIS B 183 -6.94 7.92 19.46
CA HIS B 183 -7.93 7.00 20.04
C HIS B 183 -8.96 6.48 19.01
N ILE B 184 -8.93 7.02 17.78
CA ILE B 184 -9.78 6.61 16.67
C ILE B 184 -9.61 5.13 16.35
N LEU B 185 -8.34 4.64 16.15
CA LEU B 185 -8.17 3.24 15.80
C LEU B 185 -8.67 2.33 16.86
N GLU B 186 -8.43 2.68 18.15
CA GLU B 186 -8.91 1.85 19.23
C GLU B 186 -10.42 1.68 19.20
N GLU B 187 -11.19 2.77 18.95
CA GLU B 187 -12.64 2.63 18.90
C GLU B 187 -13.11 1.78 17.73
N LEU B 188 -12.31 1.67 16.64
CA LEU B 188 -12.67 0.81 15.52
C LEU B 188 -12.46 -0.70 15.79
N GLY B 189 -11.79 -1.04 16.88
CA GLY B 189 -11.57 -2.40 17.31
C GLY B 189 -10.83 -3.23 16.29
N ASP B 190 -11.25 -4.49 16.12
CA ASP B 190 -10.57 -5.36 15.15
C ASP B 190 -10.97 -5.10 13.70
N SER B 191 -11.90 -4.15 13.44
CA SER B 191 -12.31 -3.88 12.06
C SER B 191 -11.15 -3.28 11.24
N ILE B 192 -10.11 -2.71 11.89
CA ILE B 192 -9.00 -2.13 11.13
C ILE B 192 -7.93 -3.16 10.74
N LEU B 193 -8.02 -4.41 11.21
CA LEU B 193 -6.99 -5.41 10.84
C LEU B 193 -7.02 -5.67 9.35
N GLY B 194 -5.85 -5.62 8.72
CA GLY B 194 -5.73 -5.83 7.29
C GLY B 194 -6.01 -4.60 6.45
N VAL B 195 -6.38 -3.47 7.06
CA VAL B 195 -6.67 -2.23 6.36
C VAL B 195 -5.40 -1.34 6.30
N LYS B 196 -5.08 -0.79 5.11
CA LYS B 196 -3.92 0.12 4.96
C LYS B 196 -4.26 1.45 5.62
N ILE B 197 -3.60 1.83 6.70
CA ILE B 197 -3.90 3.08 7.38
C ILE B 197 -2.82 4.08 7.07
N THR B 198 -3.20 5.32 6.73
CA THR B 198 -2.22 6.36 6.51
C THR B 198 -2.69 7.59 7.24
N LYS B 199 -1.86 8.10 8.17
CA LYS B 199 -2.07 9.36 8.87
C LYS B 199 -1.23 10.38 8.12
N PHE B 200 -1.79 11.55 7.83
CA PHE B 200 -1.04 12.55 7.07
C PHE B 200 -1.31 13.93 7.60
N PRO B 201 -0.35 14.85 7.40
CA PRO B 201 -0.55 16.22 7.88
C PRO B 201 -1.42 17.03 6.93
N MET B 202 -1.73 18.27 7.34
CA MET B 202 -2.57 19.13 6.53
C MET B 202 -1.81 19.98 5.52
N ILE B 203 -2.47 20.20 4.38
CA ILE B 203 -2.03 21.19 3.42
C ILE B 203 -2.83 22.44 3.78
N SER B 204 -2.16 23.60 3.84
CA SER B 204 -2.84 24.83 4.20
C SER B 204 -3.60 25.43 3.03
N VAL B 205 -4.73 24.82 2.70
CA VAL B 205 -5.64 25.26 1.65
C VAL B 205 -7.07 25.08 2.17
N GLY B 206 -8.03 25.75 1.54
CA GLY B 206 -9.43 25.64 1.94
C GLY B 206 -9.67 26.00 3.39
N ALA B 207 -10.48 25.18 4.08
CA ALA B 207 -10.82 25.45 5.47
C ALA B 207 -9.61 25.34 6.40
N ALA B 208 -8.57 24.57 6.01
CA ALA B 208 -7.39 24.45 6.86
C ALA B 208 -6.64 25.77 7.02
N LYS B 209 -6.74 26.69 6.03
CA LYS B 209 -6.09 28.00 6.12
C LYS B 209 -6.68 28.87 7.21
N THR B 210 -8.00 28.78 7.46
CA THR B 210 -8.65 29.69 8.39
C THR B 210 -9.17 29.08 9.67
N ARG B 211 -9.37 27.76 9.68
CA ARG B 211 -9.93 27.09 10.84
C ARG B 211 -8.94 26.29 11.67
N ILE B 212 -7.68 26.22 11.24
CA ILE B 212 -6.67 25.49 11.98
C ILE B 212 -5.51 26.44 12.26
N LYS B 213 -4.98 26.44 13.49
CA LYS B 213 -3.84 27.28 13.84
C LYS B 213 -2.63 26.74 13.11
N GLN B 214 -1.89 27.61 12.42
CA GLN B 214 -0.76 27.14 11.61
C GLN B 214 0.32 26.45 12.46
N GLU B 215 0.44 26.80 13.75
CA GLU B 215 1.38 26.14 14.66
C GLU B 215 1.01 24.67 14.92
N ASN B 216 -0.26 24.28 14.70
CA ASN B 216 -0.68 22.89 14.86
C ASN B 216 -0.44 22.02 13.61
N ILE B 217 0.00 22.63 12.50
CA ILE B 217 0.28 21.90 11.28
C ILE B 217 1.75 21.50 11.31
N HIS B 218 2.02 20.20 11.20
CA HIS B 218 3.39 19.67 11.22
C HIS B 218 4.28 20.30 10.18
N LYS B 219 5.56 20.47 10.49
CA LYS B 219 6.52 20.98 9.53
C LYS B 219 7.58 19.91 9.35
N PHE B 220 7.65 19.32 8.18
CA PHE B 220 8.61 18.25 7.89
C PHE B 220 9.66 18.63 6.87
N TYR B 221 9.40 19.67 6.08
CA TYR B 221 10.33 20.09 5.04
C TYR B 221 10.66 21.54 5.21
N SER B 222 11.83 21.94 4.76
CA SER B 222 12.26 23.33 4.81
C SER B 222 12.90 23.69 3.46
N LEU B 223 13.07 25.01 3.22
CA LEU B 223 13.70 25.46 1.98
C LEU B 223 15.16 24.95 1.82
N GLU B 224 15.75 24.28 2.84
CA GLU B 224 17.11 23.75 2.79
C GLU B 224 17.23 22.31 2.28
N ASP B 225 16.26 21.42 2.57
CA ASP B 225 16.36 20.04 2.10
C ASP B 225 15.89 19.89 0.65
N GLU B 226 16.58 20.57 -0.28
CA GLU B 226 16.27 20.62 -1.70
C GLU B 226 16.43 19.31 -2.47
N ASP B 227 17.24 18.38 -1.96
CA ASP B 227 17.44 17.09 -2.64
C ASP B 227 16.23 16.15 -2.49
N SER B 228 15.41 16.34 -1.45
CA SER B 228 14.19 15.55 -1.23
C SER B 228 12.93 16.24 -1.80
N LEU B 229 13.08 17.42 -2.44
CA LEU B 229 11.96 18.14 -2.99
C LEU B 229 11.72 17.71 -4.46
N HIS B 230 10.95 16.62 -4.63
CA HIS B 230 10.61 16.11 -5.96
C HIS B 230 9.12 15.78 -6.01
N CYS B 231 8.43 16.14 -7.09
CA CYS B 231 7.00 15.82 -7.21
C CYS B 231 6.89 14.31 -7.48
N PRO B 232 5.97 13.61 -6.79
CA PRO B 232 5.87 12.15 -7.00
C PRO B 232 5.34 11.72 -8.37
N GLY B 233 4.62 12.61 -9.05
CA GLY B 233 4.08 12.27 -10.37
C GLY B 233 2.81 13.00 -10.68
N TYR B 234 2.35 12.89 -11.93
CA TYR B 234 1.10 13.58 -12.31
C TYR B 234 -0.02 12.59 -12.45
N ASP B 235 -1.25 13.04 -12.15
CA ASP B 235 -2.46 12.22 -12.24
C ASP B 235 -3.59 13.18 -12.58
N ILE B 236 -4.10 13.09 -13.80
CA ILE B 236 -5.07 14.08 -14.29
C ILE B 236 -6.37 14.06 -13.52
N VAL B 237 -6.80 15.27 -13.06
CA VAL B 237 -8.06 15.42 -12.34
C VAL B 237 -8.96 16.44 -13.02
N TYR B 238 -10.17 16.03 -13.37
CA TYR B 238 -11.20 16.93 -13.91
C TYR B 238 -11.95 17.36 -12.65
N HIS B 239 -11.72 18.59 -12.22
CA HIS B 239 -12.19 19.10 -10.93
C HIS B 239 -13.61 19.67 -10.94
N HIS B 240 -14.22 19.79 -9.75
CA HIS B 240 -15.58 20.30 -9.61
C HIS B 240 -15.71 21.78 -9.97
N ASP B 241 -14.58 22.52 -10.04
CA ASP B 241 -14.61 23.91 -10.49
C ASP B 241 -14.59 24.00 -12.04
N GLY B 242 -14.68 22.87 -12.74
CA GLY B 242 -14.67 22.82 -14.20
C GLY B 242 -13.28 22.94 -14.81
N GLU B 243 -12.22 23.05 -13.99
CA GLU B 243 -10.85 23.12 -14.49
C GLU B 243 -10.24 21.70 -14.47
N ILE B 244 -9.05 21.53 -15.04
CA ILE B 244 -8.34 20.26 -15.08
C ILE B 244 -6.99 20.50 -14.45
N TYR B 245 -6.61 19.64 -13.51
CA TYR B 245 -5.35 19.80 -12.79
C TYR B 245 -4.43 18.62 -13.06
N PRO B 246 -3.10 18.82 -12.89
CA PRO B 246 -2.15 17.75 -13.19
C PRO B 246 -1.97 16.72 -12.09
N CYS B 247 -2.61 16.88 -10.92
CA CYS B 247 -2.47 15.91 -9.84
C CYS B 247 -3.70 16.01 -8.92
N ALA B 248 -3.76 15.14 -7.90
CA ALA B 248 -4.88 15.13 -6.96
C ALA B 248 -4.39 15.52 -5.56
N SER B 249 -3.35 16.36 -5.46
CA SER B 249 -2.91 16.83 -4.14
C SER B 249 -3.86 17.97 -3.75
N PRO B 250 -4.25 18.13 -2.48
CA PRO B 250 -5.03 19.31 -2.08
C PRO B 250 -4.39 20.64 -2.48
N ALA B 251 -3.05 20.68 -2.54
CA ALA B 251 -2.35 21.92 -2.86
C ALA B 251 -2.61 22.44 -4.27
N ILE B 252 -2.75 21.54 -5.26
CA ILE B 252 -2.83 21.97 -6.66
C ILE B 252 -4.06 22.82 -6.98
N PHE B 253 -5.15 22.60 -6.28
CA PHE B 253 -6.43 23.27 -6.59
C PHE B 253 -6.37 24.78 -6.31
N GLU B 254 -5.40 25.25 -5.50
CA GLU B 254 -5.13 26.65 -5.16
CA GLU B 254 -5.24 26.69 -5.26
C GLU B 254 -4.07 27.29 -6.11
N THR B 255 -3.45 26.49 -7.01
CA THR B 255 -2.40 27.01 -7.89
C THR B 255 -3.02 27.54 -9.20
N LYS B 256 -2.20 28.19 -10.03
CA LYS B 256 -2.63 28.63 -11.33
C LYS B 256 -2.30 27.60 -12.43
N ILE B 257 -1.97 26.35 -12.06
CA ILE B 257 -1.59 25.33 -13.04
C ILE B 257 -2.83 24.57 -13.48
N THR B 258 -3.39 24.94 -14.63
CA THR B 258 -4.57 24.25 -15.16
C THR B 258 -4.29 23.72 -16.58
N LEU B 259 -4.96 22.65 -16.95
CA LEU B 259 -4.77 22.02 -18.26
C LEU B 259 -5.98 22.19 -19.19
N ARG B 260 -6.98 22.99 -18.80
CA ARG B 260 -8.15 23.20 -19.65
C ARG B 260 -8.00 24.44 -20.50
N GLU B 261 -8.21 24.30 -21.82
CA GLU B 261 -8.18 25.45 -22.72
C GLU B 261 -9.58 25.75 -23.29
N GLU B 262 -10.53 24.79 -23.24
CA GLU B 262 -11.88 25.01 -23.74
C GLU B 262 -12.86 24.05 -23.08
N TYR B 263 -14.16 24.39 -23.17
CA TYR B 263 -15.26 23.63 -22.57
C TYR B 263 -15.30 22.16 -23.01
N ASN B 264 -15.23 21.90 -24.32
CA ASN B 264 -15.27 20.55 -24.86
C ASN B 264 -13.86 20.21 -25.31
N GLN B 265 -13.09 19.71 -24.38
CA GLN B 265 -11.70 19.35 -24.62
C GLN B 265 -11.58 17.85 -24.45
N SER B 266 -10.92 17.19 -25.40
CA SER B 266 -10.77 15.74 -25.32
C SER B 266 -9.69 15.33 -24.33
N PHE B 267 -9.75 14.08 -23.87
CA PHE B 267 -8.76 13.56 -22.93
C PHE B 267 -7.40 13.48 -23.63
N GLU B 268 -7.37 13.04 -24.90
CA GLU B 268 -6.10 13.04 -25.66
C GLU B 268 -5.48 14.44 -25.74
N ARG B 269 -6.30 15.50 -25.86
CA ARG B 269 -5.78 16.89 -25.83
C ARG B 269 -5.28 17.23 -24.40
N THR B 270 -6.02 16.84 -23.36
CA THR B 270 -5.56 17.10 -21.96
C THR B 270 -4.17 16.44 -21.73
N VAL B 271 -4.01 15.20 -22.19
CA VAL B 271 -2.75 14.46 -22.06
C VAL B 271 -1.63 15.14 -22.85
N GLU B 272 -1.93 15.57 -24.09
CA GLU B 272 -0.95 16.26 -24.90
C GLU B 272 -0.49 17.57 -24.23
N LYS B 273 -1.44 18.33 -23.64
CA LYS B 273 -1.12 19.58 -22.96
C LYS B 273 -0.24 19.33 -21.74
N LEU B 274 -0.58 18.28 -20.98
CA LEU B 274 0.20 17.94 -19.80
C LEU B 274 1.64 17.56 -20.20
N ASN B 275 1.78 16.75 -21.24
CA ASN B 275 3.10 16.31 -21.70
C ASN B 275 3.93 17.40 -22.37
N SER B 276 3.28 18.49 -22.81
CA SER B 276 4.02 19.60 -23.43
C SER B 276 4.13 20.85 -22.54
N ASN B 277 3.66 20.77 -21.28
CA ASN B 277 3.74 21.89 -20.36
C ASN B 277 5.18 22.01 -19.88
N LEU B 278 5.84 23.08 -20.26
CA LEU B 278 7.25 23.31 -19.94
C LEU B 278 7.50 23.38 -18.44
N LEU B 279 6.65 24.10 -17.69
CA LEU B 279 6.82 24.21 -16.24
C LEU B 279 6.77 22.83 -15.58
N LEU B 280 5.76 22.03 -15.94
CA LEU B 280 5.62 20.69 -15.37
C LEU B 280 6.72 19.74 -15.85
N PHE B 281 7.23 19.93 -17.06
CA PHE B 281 8.35 19.12 -17.55
C PHE B 281 9.60 19.42 -16.70
N ILE B 282 9.92 20.72 -16.51
CA ILE B 282 11.07 21.14 -15.71
C ILE B 282 10.94 20.65 -14.28
N LEU B 283 9.72 20.74 -13.72
CA LEU B 283 9.48 20.25 -12.38
C LEU B 283 9.79 18.73 -12.27
N ARG B 284 9.29 17.94 -13.22
CA ARG B 284 9.53 16.50 -13.25
C ARG B 284 11.05 16.18 -13.38
N LYS B 285 11.72 16.84 -14.32
CA LYS B 285 13.11 16.59 -14.62
C LYS B 285 14.09 17.12 -13.57
N GLU B 286 13.88 18.35 -13.10
CA GLU B 286 14.83 19.04 -12.23
C GLU B 286 14.45 19.12 -10.75
N GLY B 287 13.18 18.93 -10.43
CA GLY B 287 12.72 19.04 -9.05
C GLY B 287 12.49 20.48 -8.62
N PHE B 288 12.02 20.67 -7.37
CA PHE B 288 11.74 21.99 -6.84
C PHE B 288 12.96 22.87 -6.66
N LYS B 289 14.14 22.26 -6.48
CA LYS B 289 15.36 23.05 -6.31
C LYS B 289 15.63 23.97 -7.51
N TRP B 290 15.19 23.58 -8.72
CA TRP B 290 15.40 24.43 -9.90
C TRP B 290 14.67 25.78 -9.73
N PHE B 291 13.43 25.73 -9.23
CA PHE B 291 12.63 26.94 -9.02
C PHE B 291 13.09 27.69 -7.77
N LEU B 292 13.36 26.96 -6.69
CA LEU B 292 13.78 27.58 -5.44
C LEU B 292 15.12 28.29 -5.59
N ASN B 293 16.07 27.70 -6.32
CA ASN B 293 17.38 28.33 -6.53
C ASN B 293 17.24 29.63 -7.30
N ILE B 294 16.30 29.71 -8.26
CA ILE B 294 16.07 30.96 -8.99
C ILE B 294 15.58 32.05 -8.03
N LEU B 295 14.61 31.71 -7.17
CA LEU B 295 14.10 32.66 -6.20
C LEU B 295 15.18 33.09 -5.21
N LYS B 296 15.99 32.14 -4.73
CA LYS B 296 17.06 32.46 -3.79
C LYS B 296 18.13 33.34 -4.41
N GLU B 297 18.66 32.95 -5.58
CA GLU B 297 19.70 33.75 -6.24
C GLU B 297 19.20 35.16 -6.57
N ASN B 298 17.91 35.31 -6.85
CA ASN B 298 17.34 36.63 -7.15
C ASN B 298 16.72 37.33 -5.94
N ASN B 299 16.90 36.78 -4.72
CA ASN B 299 16.44 37.35 -3.46
C ASN B 299 14.94 37.64 -3.47
N LYS B 300 14.15 36.65 -3.94
CA LYS B 300 12.71 36.73 -4.08
C LYS B 300 11.92 35.89 -3.07
N ILE B 301 12.58 35.16 -2.16
CA ILE B 301 11.89 34.34 -1.17
C ILE B 301 10.95 35.16 -0.29
N GLU B 302 11.45 36.31 0.20
CA GLU B 302 10.70 37.23 1.07
C GLU B 302 9.60 37.96 0.30
N GLU B 303 9.92 38.42 -0.92
CA GLU B 303 9.01 39.16 -1.79
C GLU B 303 7.83 38.32 -2.21
N PHE B 304 8.06 37.05 -2.51
CA PHE B 304 6.99 36.14 -2.93
C PHE B 304 6.33 35.39 -1.77
N ASP B 305 6.62 35.77 -0.51
CA ASP B 305 6.07 35.13 0.68
C ASP B 305 6.21 33.62 0.68
N ILE B 306 7.38 33.11 0.25
CA ILE B 306 7.62 31.66 0.26
C ILE B 306 7.86 31.29 1.72
N PRO B 307 7.03 30.41 2.31
CA PRO B 307 7.26 30.01 3.71
C PRO B 307 8.57 29.24 3.84
N TYR B 308 9.14 29.25 5.04
CA TYR B 308 10.41 28.57 5.28
C TYR B 308 10.20 27.07 5.46
N GLU B 309 9.10 26.68 6.13
CA GLU B 309 8.80 25.29 6.44
C GLU B 309 7.45 24.86 5.89
N PHE B 310 7.31 23.54 5.63
CA PHE B 310 6.12 22.99 5.00
C PHE B 310 5.79 21.61 5.54
N SER B 311 4.50 21.24 5.55
CA SER B 311 4.11 19.88 5.99
C SER B 311 4.32 18.84 4.89
N SER B 312 4.44 19.26 3.66
CA SER B 312 4.57 18.33 2.53
CA SER B 312 4.53 18.34 2.53
C SER B 312 5.26 18.97 1.36
N ILE B 313 5.79 18.16 0.43
CA ILE B 313 6.43 18.67 -0.79
C ILE B 313 5.42 19.56 -1.56
N CYS B 314 4.13 19.19 -1.49
CA CYS B 314 3.04 19.91 -2.16
C CYS B 314 2.87 21.33 -1.63
N GLY B 315 3.23 21.57 -0.37
CA GLY B 315 3.18 22.93 0.17
C GLY B 315 4.19 23.82 -0.53
N VAL B 316 5.38 23.26 -0.89
CA VAL B 316 6.41 24.00 -1.64
C VAL B 316 5.82 24.30 -3.03
N CYS B 317 5.26 23.27 -3.67
CA CYS B 317 4.65 23.37 -4.99
C CYS B 317 3.62 24.51 -5.04
N GLY B 318 2.69 24.48 -4.09
CA GLY B 318 1.65 25.49 -4.00
C GLY B 318 2.21 26.88 -3.82
N SER B 319 3.20 27.05 -2.93
N SER B 319 3.20 27.05 -2.93
CA SER B 319 3.80 28.37 -2.71
CA SER B 319 3.81 28.35 -2.70
C SER B 319 4.56 28.89 -3.91
C SER B 319 4.60 28.88 -3.89
N LEU B 320 5.04 28.00 -4.79
CA LEU B 320 5.79 28.45 -5.98
C LEU B 320 4.86 28.85 -7.12
N PHE B 321 3.69 28.20 -7.21
CA PHE B 321 2.83 28.38 -8.39
C PHE B 321 1.41 28.88 -8.11
N ASN B 322 1.15 29.48 -6.93
CA ASN B 322 -0.21 29.91 -6.60
C ASN B 322 -0.52 31.36 -6.98
N SER B 323 0.32 31.99 -7.82
CA SER B 323 0.00 33.32 -8.34
C SER B 323 0.50 33.46 -9.76
N ALA B 324 -0.18 34.30 -10.56
CA ALA B 324 0.27 34.57 -11.93
C ALA B 324 1.63 35.26 -11.90
N GLU B 325 1.88 36.09 -10.88
CA GLU B 325 3.13 36.82 -10.74
C GLU B 325 4.29 35.85 -10.61
N LYS B 326 4.14 34.80 -9.79
CA LYS B 326 5.19 33.80 -9.59
C LYS B 326 5.45 33.02 -10.87
N ILE B 327 4.40 32.51 -11.53
CA ILE B 327 4.54 31.77 -12.78
C ILE B 327 5.20 32.63 -13.86
N ASN B 328 4.72 33.86 -14.01
CA ASN B 328 5.31 34.77 -14.98
C ASN B 328 6.77 35.07 -14.66
N TYR B 329 7.12 35.09 -13.37
CA TYR B 329 8.50 35.34 -12.97
C TYR B 329 9.44 34.28 -13.53
N PHE B 330 9.03 33.01 -13.52
CA PHE B 330 9.88 31.93 -14.03
C PHE B 330 9.97 31.84 -15.54
N TYR B 331 9.03 32.47 -16.28
CA TYR B 331 8.98 32.36 -17.73
C TYR B 331 10.33 32.55 -18.45
N PRO B 332 11.10 33.66 -18.29
CA PRO B 332 12.37 33.78 -19.03
C PRO B 332 13.38 32.70 -18.68
N TYR B 333 13.34 32.17 -17.44
CA TYR B 333 14.22 31.09 -17.01
C TYR B 333 13.85 29.79 -17.67
N MET B 334 12.53 29.52 -17.79
CA MET B 334 12.06 28.32 -18.44
C MET B 334 12.33 28.37 -19.95
N GLU B 335 12.19 29.56 -20.55
CA GLU B 335 12.47 29.80 -21.97
C GLU B 335 13.97 29.54 -22.24
N LYS B 336 14.85 30.00 -21.34
CA LYS B 336 16.30 29.79 -21.44
C LYS B 336 16.62 28.30 -21.29
N TYR B 337 15.92 27.60 -20.38
CA TYR B 337 16.10 26.16 -20.18
C TYR B 337 15.73 25.41 -21.47
N TYR B 338 14.61 25.80 -22.10
CA TYR B 338 14.13 25.19 -23.34
C TYR B 338 15.16 25.36 -24.48
N ASN B 339 15.70 26.58 -24.60
CA ASN B 339 16.68 26.90 -25.63
C ASN B 339 17.98 26.15 -25.43
N GLU B 340 18.39 25.92 -24.18
CA GLU B 340 19.66 25.24 -23.90
C GLU B 340 19.57 23.73 -23.95
N ASN B 341 18.40 23.16 -23.68
CA ASN B 341 18.24 21.70 -23.65
C ASN B 341 17.47 21.15 -24.84
N LYS C 3 2.68 -6.08 4.46
CA LYS C 3 1.42 -6.76 4.63
C LYS C 3 0.29 -6.09 3.85
N SER C 4 -0.34 -6.89 2.97
CA SER C 4 -1.46 -6.56 2.09
C SER C 4 -2.05 -7.95 1.76
N LYS C 5 -1.44 -8.74 0.84
CA LYS C 5 -1.92 -10.11 0.59
C LYS C 5 -0.96 -11.12 1.24
N GLU C 6 -1.55 -12.15 1.81
CA GLU C 6 -0.93 -13.15 2.65
C GLU C 6 0.26 -13.84 2.04
N ASN C 7 0.25 -14.00 0.72
CA ASN C 7 1.34 -14.68 0.03
C ASN C 7 2.66 -13.91 0.10
N ARG C 8 2.64 -12.62 0.47
CA ARG C 8 3.89 -11.85 0.67
C ARG C 8 4.04 -11.35 2.14
N TRP C 9 3.38 -12.04 3.08
CA TRP C 9 3.29 -11.63 4.47
C TRP C 9 4.63 -11.28 5.12
N ILE C 10 5.64 -12.16 4.96
CA ILE C 10 6.95 -11.91 5.61
C ILE C 10 7.93 -11.12 4.77
N LEU C 11 7.46 -10.46 3.69
CA LEU C 11 8.35 -9.73 2.76
C LEU C 11 8.16 -8.21 2.79
N LYS D 5 3.06 9.32 -2.92
CA LYS D 5 1.69 9.21 -3.39
C LYS D 5 0.86 10.48 -3.12
N GLU D 6 1.53 11.64 -2.90
CA GLU D 6 0.81 12.92 -2.78
C GLU D 6 0.00 13.24 -4.03
N ASN D 7 0.45 12.76 -5.21
CA ASN D 7 -0.25 13.00 -6.46
C ASN D 7 -1.63 12.32 -6.51
N ARG D 8 -1.91 11.36 -5.60
CA ARG D 8 -3.24 10.72 -5.55
C ARG D 8 -3.93 10.97 -4.17
N TRP D 9 -3.52 12.04 -3.47
CA TRP D 9 -3.93 12.34 -2.10
C TRP D 9 -5.45 12.27 -1.87
N ILE D 10 -6.24 12.91 -2.74
CA ILE D 10 -7.70 12.94 -2.53
C ILE D 10 -8.45 11.80 -3.21
N LEU D 11 -7.75 10.74 -3.64
CA LEU D 11 -8.35 9.62 -4.39
C LEU D 11 -8.36 8.31 -3.63
FE1 SF4 E . 11.19 -10.59 12.97
FE2 SF4 E . 10.89 -13.07 14.32
FE3 SF4 E . 10.73 -10.76 15.80
FE4 SF4 E . 13.17 -11.54 14.72
S1 SF4 E . 11.99 -12.63 16.36
S2 SF4 E . 12.26 -9.38 14.74
S3 SF4 E . 12.49 -12.60 12.76
S4 SF4 E . 9.26 -11.42 14.09
FE1 SF4 F . -1.56 -21.37 1.94
FE2 SF4 F . -1.68 -18.69 2.69
FE3 SF4 F . -1.84 -19.46 0.01
FE4 SF4 F . 0.51 -19.66 1.38
S1 SF4 F . -0.62 -17.71 0.89
S2 SF4 F . -0.41 -21.25 -0.02
S3 SF4 F . -0.20 -20.28 3.46
S4 SF4 F . -3.37 -19.95 1.68
N SAH G . 12.62 -9.84 11.48
CA SAH G . 11.88 -9.16 10.37
CB SAH G . 11.49 -10.07 9.15
CG SAH G . 11.06 -11.48 9.52
SD SAH G . 9.37 -11.53 10.24
C SAH G . 10.61 -8.52 11.01
O SAH G . 10.27 -8.73 12.15
OXT SAH G . 9.98 -7.72 10.16
C5' SAH G . 8.38 -10.75 8.94
C4' SAH G . 6.99 -10.35 9.42
O4' SAH G . 6.23 -11.50 9.84
C3' SAH G . 6.96 -9.35 10.57
O3' SAH G . 6.13 -8.21 10.31
C2' SAH G . 6.44 -10.19 11.75
O2' SAH G . 5.78 -9.46 12.76
C1' SAH G . 5.51 -11.16 11.01
N9 SAH G . 5.22 -12.38 11.75
C8 SAH G . 6.14 -13.23 12.32
N7 SAH G . 5.61 -14.28 12.89
C5 SAH G . 4.24 -14.12 12.69
C6 SAH G . 3.13 -14.91 13.03
N6 SAH G . 3.20 -16.02 13.77
N1 SAH G . 1.91 -14.48 12.61
C2 SAH G . 1.82 -13.35 11.92
N3 SAH G . 2.79 -12.51 11.56
C4 SAH G . 4.00 -12.96 11.97
C1 EDO H . 30.06 -10.44 3.47
O1 EDO H . 30.66 -9.74 2.40
C2 EDO H . 30.93 -11.66 3.83
O2 EDO H . 30.25 -12.37 4.83
C1 PEG I . 28.17 -7.91 -14.99
O1 PEG I . 28.64 -6.57 -14.83
C2 PEG I . 27.38 -8.08 -16.25
O2 PEG I . 26.07 -7.56 -16.08
C3 PEG I . 25.85 -6.37 -16.82
C4 PEG I . 25.04 -6.66 -18.04
O4 PEG I . 23.74 -7.14 -17.71
C1 EDO J . 13.39 -22.84 11.67
O1 EDO J . 12.67 -21.77 11.08
C2 EDO J . 12.46 -23.59 12.65
O2 EDO J . 11.86 -22.64 13.52
C1 PEG K . 0.62 -18.28 26.85
O1 PEG K . 0.46 -17.25 27.80
C2 PEG K . 0.17 -19.60 27.39
O2 PEG K . 0.32 -20.61 26.40
C3 PEG K . -0.78 -20.69 25.52
C4 PEG K . -0.43 -21.52 24.32
O4 PEG K . -0.25 -22.88 24.65
C1 EDO L . 18.34 -1.75 18.95
O1 EDO L . 17.77 -3.07 18.99
C2 EDO L . 17.22 -0.74 18.66
O2 EDO L . 16.82 -0.02 19.83
C1 EDO M . 27.79 -2.29 8.43
O1 EDO M . 26.99 -1.50 9.30
C2 EDO M . 28.41 -1.41 7.32
O2 EDO M . 28.99 -0.25 7.90
C1 EDO N . 16.02 0.26 -12.46
O1 EDO N . 15.51 -1.04 -12.20
C2 EDO N . 17.56 0.24 -12.31
O2 EDO N . 18.04 1.54 -12.03
C1 EDO O . -3.78 -27.26 13.50
O1 EDO O . -3.21 -26.16 12.81
C2 EDO O . -3.32 -28.60 12.84
O2 EDO O . -1.99 -28.92 13.27
C1 EDO P . 16.20 2.85 -5.11
O1 EDO P . 16.97 3.39 -6.18
C2 EDO P . 14.71 3.29 -5.22
O2 EDO P . 14.14 2.80 -6.43
C1 PEG Q . 23.61 -1.49 14.45
O1 PEG Q . 24.30 -1.85 13.27
C2 PEG Q . 24.19 -2.14 15.67
O2 PEG Q . 23.19 -2.40 16.65
C3 PEG Q . 23.41 -3.65 17.30
C4 PEG Q . 22.24 -4.01 18.18
O4 PEG Q . 21.98 -5.42 18.17
C1 PEG R . 14.70 -31.24 -0.74
O1 PEG R . 13.37 -31.66 -0.49
C2 PEG R . 15.54 -32.30 -1.37
O2 PEG R . 16.65 -31.68 -2.00
C3 PEG R . 17.89 -32.34 -1.78
C4 PEG R . 18.66 -31.65 -0.69
O4 PEG R . 18.82 -30.26 -0.95
C1 EDO S . 24.78 12.25 12.48
O1 EDO S . 23.53 12.09 11.85
C2 EDO S . 25.92 11.96 11.46
O2 EDO S . 27.18 12.08 12.13
FE1 SF4 T . -14.21 14.85 2.75
FE2 SF4 T . -14.11 17.67 2.86
FE3 SF4 T . -14.68 16.29 5.18
FE4 SF4 T . -16.53 16.35 3.13
S1 SF4 T . -15.82 18.14 4.37
S2 SF4 T . -15.90 14.50 4.39
S3 SF4 T . -15.16 16.44 1.26
S4 SF4 T . -12.68 16.20 3.94
FE1 SF4 U . 2.78 19.79 -6.94
FE2 SF4 U . 2.24 17.81 -5.09
FE3 SF4 U . 3.32 17.21 -7.58
FE4 SF4 U . 0.70 18.00 -7.34
S1 SF4 U . 1.63 16.08 -6.46
S2 SF4 U . 2.23 18.75 -8.90
S3 SF4 U . 0.85 19.55 -5.66
S4 SF4 U . 4.32 18.42 -5.92
N SAH V . -15.16 13.41 1.33
CA SAH V . -14.17 12.37 0.96
CB SAH V . -13.30 12.64 -0.33
CG SAH V . -12.87 14.10 -0.50
SD SAH V . -11.51 14.57 0.63
C SAH V . -13.26 12.16 2.19
O SAH V . -13.29 12.90 3.20
OXT SAH V . -12.49 11.13 2.05
C5' SAH V . -10.23 13.36 0.22
C4' SAH V . -9.14 13.29 1.27
O4' SAH V . -8.42 14.54 1.37
C3' SAH V . -9.59 12.92 2.70
O3' SAH V . -8.86 11.84 3.27
C2' SAH V . -9.39 14.23 3.47
O2' SAH V . -9.18 14.06 4.87
C1' SAH V . -8.17 14.80 2.75
N9 SAH V . -8.01 16.24 2.91
C8 SAH V . -8.97 17.20 2.72
N7 SAH V . -8.55 18.42 2.91
C5 SAH V . -7.21 18.27 3.25
C6 SAH V . -6.20 19.20 3.53
N6 SAH V . -6.40 20.52 3.65
N1 SAH V . -4.96 18.71 3.76
C2 SAH V . -4.77 17.39 3.72
N3 SAH V . -5.66 16.42 3.48
C4 SAH V . -6.87 16.93 3.25
C1 EDO W . -23.15 11.63 14.09
O1 EDO W . -23.91 12.42 13.18
C2 EDO W . -22.12 12.51 14.82
O2 EDO W . -21.52 11.80 15.89
C1 EDO X . 1.30 26.89 -15.84
O1 EDO X . 0.76 25.79 -16.54
C2 EDO X . 2.66 27.26 -16.45
O2 EDO X . 2.48 27.78 -17.76
C1 GOL Y . -13.81 26.67 -20.37
O1 GOL Y . -14.77 25.84 -19.75
C2 GOL Y . -12.46 26.56 -19.70
O2 GOL Y . -11.47 27.19 -20.50
C3 GOL Y . -12.51 27.22 -18.34
O3 GOL Y . -13.21 26.43 -17.39
C1 EDO Z . -15.96 23.71 -17.30
O1 EDO Z . -15.53 22.45 -17.78
C2 EDO Z . -17.46 23.65 -16.84
O2 EDO Z . -17.79 22.47 -16.11
C1 EDO AA . -14.89 15.29 -24.39
O1 EDO AA . -15.24 16.40 -25.22
C2 EDO AA . -16.16 14.57 -23.87
O2 EDO AA . -16.93 14.07 -24.99
C1 EDO BA . -18.48 10.68 -24.84
O1 EDO BA . -18.22 12.00 -24.41
C2 EDO BA . -17.75 10.42 -26.16
O2 EDO BA . -17.16 9.14 -26.06
C1 EDO CA . -7.02 -6.86 -4.15
O1 EDO CA . -7.55 -6.51 -2.88
C2 EDO CA . -7.02 -8.39 -4.34
O2 EDO CA . -6.95 -8.69 -5.72
C1 EDO DA . -5.80 -0.78 -21.41
O1 EDO DA . -4.56 -0.52 -22.05
C2 EDO DA . -6.60 0.53 -21.34
O2 EDO DA . -7.88 0.30 -20.80
C1 EDO EA . -10.89 22.40 15.02
O1 EDO EA . -11.82 21.55 14.39
C2 EDO EA . -10.16 23.13 13.91
O2 EDO EA . -9.00 23.71 14.44
C1 PEG FA . -21.70 -10.80 -3.45
O1 PEG FA . -21.92 -9.43 -3.69
C2 PEG FA . -20.32 -11.21 -3.86
O2 PEG FA . -19.86 -12.27 -3.03
C3 PEG FA . -18.95 -11.84 -2.01
C4 PEG FA . -17.60 -11.54 -2.60
O4 PEG FA . -17.17 -12.54 -3.51
C1 EDO GA . -18.82 -1.95 -25.02
O1 EDO GA . -20.01 -1.48 -25.63
C2 EDO GA . -17.91 -2.61 -26.08
O2 EDO GA . -16.73 -3.08 -25.45
C1 EDO HA . -6.87 29.93 13.44
O1 EDO HA . -6.38 30.79 14.47
C2 EDO HA . -8.24 29.36 13.85
O2 EDO HA . -8.13 28.66 15.09
#